data_2DOU
#
_entry.id   2DOU
#
_cell.length_a   121.490
_cell.length_b   121.490
_cell.length_c   172.190
_cell.angle_alpha   90.00
_cell.angle_beta   90.00
_cell.angle_gamma   90.00
#
_symmetry.space_group_name_H-M   'P 41 21 2'
#
loop_
_entity.id
_entity.type
_entity.pdbx_description
1 polymer 'probable N-succinyldiaminopimelate aminotransferase'
2 non-polymer 'SULFATE ION'
3 non-polymer '4-(2-HYDROXYETHYL)-1-PIPERAZINE ETHANESULFONIC ACID'
4 water water
#
_entity_poly.entity_id   1
_entity_poly.type   'polypeptide(L)'
_entity_poly.pdbx_seq_one_letter_code
;MSRVPEPSVFLVVDEAKRKARERGVGLIDLSIGSTDLPPPEAPLKALAEALNDPTTYGYCLKSCTLPFLEEAARWYEGRY
GVGLDPRREALALIGSQEGLAHLLLALTEPEDLLLLPEVAYPSYFGAARVASLRTFLIPLREDGLADLKAVPEGVWREAK
VLLLNYPNNPTGAVADWGYFEEALGLARKHGLWLIHDNPYVDQVYEGEAPSPLALPGAKERVVELFSLSKSYNLAGFRLG
FALGSEEALARLERVKGVIDFNQYAGVLRMGVEALKTPKEVVRGYARVYRERALGMAEALKGVLSLLPPRATMYLWGRLP
EGVDDLEFGLRLVERGVALAPGRGFGPGGKGFVRIALVRPLEELLEAAKRIREALD
;
_entity_poly.pdbx_strand_id   A,B
#
# COMPACT_ATOMS: atom_id res chain seq x y z
N VAL A 4 -21.50 -4.03 2.72
CA VAL A 4 -20.39 -4.20 3.71
C VAL A 4 -20.97 -4.73 5.02
N PRO A 5 -20.34 -5.78 5.59
CA PRO A 5 -20.79 -6.40 6.85
C PRO A 5 -20.74 -5.44 8.03
N GLU A 6 -21.68 -5.60 8.97
CA GLU A 6 -21.74 -4.76 10.16
C GLU A 6 -20.48 -5.04 10.96
N PRO A 7 -19.70 -3.99 11.26
CA PRO A 7 -18.49 -4.21 12.04
C PRO A 7 -18.76 -4.63 13.48
N SER A 8 -20.04 -4.60 13.88
CA SER A 8 -20.38 -5.00 15.23
C SER A 8 -20.07 -6.48 15.39
N VAL A 9 -20.33 -7.24 14.32
CA VAL A 9 -20.09 -8.68 14.32
C VAL A 9 -18.72 -9.02 14.91
N PHE A 10 -17.66 -8.43 14.38
CA PHE A 10 -16.34 -8.75 14.92
C PHE A 10 -15.97 -7.92 16.14
N LEU A 11 -16.64 -6.78 16.32
CA LEU A 11 -16.38 -5.94 17.49
C LEU A 11 -16.86 -6.74 18.72
N VAL A 12 -18.07 -7.26 18.63
CA VAL A 12 -18.65 -8.06 19.69
C VAL A 12 -17.74 -9.24 20.07
N VAL A 13 -17.17 -9.90 19.07
CA VAL A 13 -16.30 -11.04 19.32
C VAL A 13 -14.98 -10.58 19.90
N ASP A 14 -14.33 -9.60 19.27
CA ASP A 14 -13.04 -9.13 19.76
C ASP A 14 -13.19 -8.73 21.23
N GLU A 15 -14.16 -7.85 21.49
CA GLU A 15 -14.44 -7.38 22.85
C GLU A 15 -14.53 -8.57 23.80
N ALA A 16 -15.34 -9.57 23.43
CA ALA A 16 -15.50 -10.76 24.27
C ALA A 16 -14.20 -11.54 24.50
N LYS A 17 -13.36 -11.60 23.47
CA LYS A 17 -12.08 -12.31 23.60
C LYS A 17 -11.19 -11.46 24.49
N ARG A 18 -11.24 -10.15 24.26
CA ARG A 18 -10.46 -9.18 25.02
C ARG A 18 -10.75 -9.40 26.51
N LYS A 19 -12.03 -9.56 26.83
CA LYS A 19 -12.45 -9.75 28.21
C LYS A 19 -12.05 -11.09 28.81
N ALA A 20 -12.33 -12.19 28.10
CA ALA A 20 -11.96 -13.51 28.61
C ALA A 20 -10.47 -13.49 28.96
N ARG A 21 -9.70 -12.75 28.17
CA ARG A 21 -8.26 -12.64 28.41
C ARG A 21 -8.03 -11.96 29.75
N GLU A 22 -8.62 -10.77 29.93
CA GLU A 22 -8.47 -10.03 31.18
C GLU A 22 -8.91 -10.93 32.32
N ARG A 23 -10.18 -11.34 32.30
CA ARG A 23 -10.70 -12.22 33.33
C ARG A 23 -9.91 -13.51 33.39
N GLY A 24 -8.88 -13.59 32.54
CA GLY A 24 -8.02 -14.76 32.49
C GLY A 24 -8.73 -16.09 32.29
N VAL A 25 -9.49 -16.23 31.20
CA VAL A 25 -10.19 -17.49 30.92
C VAL A 25 -9.43 -18.30 29.86
N GLY A 26 -9.44 -19.63 30.00
CA GLY A 26 -8.75 -20.44 29.01
C GLY A 26 -9.42 -20.24 27.66
N LEU A 27 -8.76 -19.58 26.73
CA LEU A 27 -9.38 -19.34 25.43
C LEU A 27 -8.61 -19.88 24.22
N ILE A 28 -9.28 -20.76 23.48
CA ILE A 28 -8.73 -21.33 22.26
C ILE A 28 -9.26 -20.45 21.12
N ASP A 29 -8.41 -19.56 20.61
CA ASP A 29 -8.81 -18.64 19.54
C ASP A 29 -8.69 -19.21 18.11
N LEU A 30 -9.82 -19.58 17.54
CA LEU A 30 -9.86 -20.13 16.19
C LEU A 30 -10.63 -19.18 15.29
N SER A 31 -10.60 -17.89 15.63
CA SER A 31 -11.34 -16.89 14.88
C SER A 31 -10.49 -16.11 13.87
N ILE A 32 -9.17 -16.17 14.01
CA ILE A 32 -8.28 -15.47 13.10
C ILE A 32 -7.47 -16.47 12.25
N GLY A 33 -7.45 -16.26 10.94
CA GLY A 33 -6.72 -17.19 10.10
C GLY A 33 -5.23 -16.90 10.03
N SER A 34 -4.57 -16.71 11.29
CA SER A 34 -3.14 -16.55 11.15
C SER A 34 -2.53 -17.69 11.92
N THR A 35 -1.75 -18.45 10.78
CA THR A 35 -1.08 -19.72 11.07
C THR A 35 -0.15 -19.70 12.27
N ASP A 36 0.11 -20.90 12.81
CA ASP A 36 1.03 -21.09 13.91
C ASP A 36 2.30 -21.75 13.34
N LEU A 37 2.28 -22.01 12.02
CA LEU A 37 3.40 -22.65 11.34
C LEU A 37 4.48 -21.66 10.92
N PRO A 38 5.75 -22.04 11.10
CA PRO A 38 6.87 -21.17 10.73
C PRO A 38 7.15 -21.13 9.25
N PRO A 39 7.87 -20.10 8.80
CA PRO A 39 8.20 -19.99 7.39
C PRO A 39 9.54 -20.71 7.20
N PRO A 40 9.95 -20.95 5.95
CA PRO A 40 11.24 -21.62 5.76
C PRO A 40 12.32 -20.58 6.06
N GLU A 41 13.49 -21.02 6.51
CA GLU A 41 14.59 -20.12 6.87
C GLU A 41 15.26 -19.33 5.76
N ALA A 42 15.42 -19.97 4.59
CA ALA A 42 16.09 -19.34 3.47
C ALA A 42 15.61 -17.92 3.12
N PRO A 43 14.30 -17.71 3.02
CA PRO A 43 13.84 -16.36 2.69
C PRO A 43 14.33 -15.33 3.72
N LEU A 44 14.26 -15.68 5.01
CA LEU A 44 14.71 -14.78 6.07
C LEU A 44 16.19 -14.43 5.91
N LYS A 45 17.01 -15.44 5.59
CA LYS A 45 18.44 -15.21 5.40
C LYS A 45 18.68 -14.30 4.21
N ALA A 46 17.90 -14.48 3.15
CA ALA A 46 18.04 -13.66 1.96
C ALA A 46 17.81 -12.20 2.35
N LEU A 47 16.70 -11.96 3.03
CA LEU A 47 16.35 -10.60 3.47
C LEU A 47 17.42 -10.04 4.41
N ALA A 48 17.86 -10.85 5.37
CA ALA A 48 18.88 -10.40 6.29
C ALA A 48 20.12 -9.93 5.53
N GLU A 49 20.51 -10.71 4.53
CA GLU A 49 21.69 -10.41 3.73
C GLU A 49 21.56 -9.15 2.92
N ALA A 50 20.35 -8.86 2.44
CA ALA A 50 20.13 -7.64 1.67
C ALA A 50 20.35 -6.40 2.54
N LEU A 51 20.13 -6.54 3.85
CA LEU A 51 20.30 -5.41 4.77
C LEU A 51 21.74 -4.88 4.74
N ASN A 52 22.69 -5.75 4.40
CA ASN A 52 24.09 -5.37 4.34
C ASN A 52 24.43 -4.71 3.01
N ASP A 53 23.51 -4.74 2.06
CA ASP A 53 23.74 -4.15 0.74
C ASP A 53 23.14 -2.75 0.70
N PRO A 54 23.99 -1.72 0.65
CA PRO A 54 23.63 -0.30 0.61
C PRO A 54 22.76 0.11 -0.56
N THR A 55 22.93 -0.57 -1.68
CA THR A 55 22.18 -0.27 -2.88
C THR A 55 20.69 -0.60 -2.74
N THR A 56 20.32 -1.32 -1.69
CA THR A 56 18.92 -1.68 -1.49
C THR A 56 18.12 -0.61 -0.72
N TYR A 57 18.84 0.29 -0.02
CA TYR A 57 18.25 1.34 0.80
C TYR A 57 17.35 2.35 0.08
N GLY A 58 17.43 2.40 -1.25
CA GLY A 58 16.61 3.33 -1.99
C GLY A 58 15.35 2.64 -2.49
N TYR A 59 14.57 3.32 -3.33
CA TYR A 59 13.35 2.75 -3.88
C TYR A 59 13.62 1.58 -4.82
N CYS A 60 12.81 0.53 -4.72
CA CYS A 60 12.93 -0.64 -5.58
C CYS A 60 11.87 -0.46 -6.67
N LEU A 61 12.26 0.19 -7.76
CA LEU A 61 11.31 0.43 -8.84
C LEU A 61 11.08 -0.79 -9.72
N LYS A 62 10.33 -0.62 -10.81
CA LYS A 62 10.01 -1.76 -11.69
C LYS A 62 11.18 -2.69 -11.95
N SER A 63 12.26 -2.16 -12.51
CA SER A 63 13.47 -2.95 -12.80
C SER A 63 13.87 -3.82 -11.63
N CYS A 64 13.96 -3.20 -10.46
CA CYS A 64 14.35 -3.88 -9.25
C CYS A 64 13.43 -5.06 -8.91
N THR A 65 12.20 -5.06 -9.40
CA THR A 65 11.29 -6.17 -9.10
C THR A 65 11.35 -7.32 -10.14
N LEU A 66 12.10 -7.11 -11.23
CA LEU A 66 12.23 -8.12 -12.29
C LEU A 66 12.59 -9.54 -11.85
N PRO A 67 13.74 -9.72 -11.17
CA PRO A 67 14.13 -11.05 -10.73
C PRO A 67 12.97 -11.82 -10.10
N PHE A 68 12.23 -11.14 -9.22
CA PHE A 68 11.10 -11.75 -8.53
C PHE A 68 9.97 -12.13 -9.49
N LEU A 69 9.61 -11.21 -10.37
CA LEU A 69 8.54 -11.48 -11.32
C LEU A 69 8.97 -12.60 -12.28
N GLU A 70 10.26 -12.62 -12.62
CA GLU A 70 10.79 -13.65 -13.48
C GLU A 70 10.60 -15.00 -12.81
N GLU A 71 10.94 -15.07 -11.53
CA GLU A 71 10.79 -16.32 -10.80
C GLU A 71 9.30 -16.65 -10.68
N ALA A 72 8.48 -15.62 -10.52
CA ALA A 72 7.05 -15.81 -10.40
C ALA A 72 6.50 -16.45 -11.67
N ALA A 73 6.87 -15.88 -12.82
CA ALA A 73 6.42 -16.42 -14.09
C ALA A 73 6.86 -17.88 -14.22
N ARG A 74 8.08 -18.17 -13.80
CA ARG A 74 8.61 -19.54 -13.85
C ARG A 74 7.79 -20.45 -12.93
N TRP A 75 7.47 -19.95 -11.73
CA TRP A 75 6.70 -20.71 -10.76
C TRP A 75 5.34 -21.06 -11.38
N TYR A 76 4.74 -20.08 -12.04
CA TYR A 76 3.44 -20.29 -12.66
C TYR A 76 3.56 -21.29 -13.84
N GLU A 77 4.53 -21.07 -14.72
CA GLU A 77 4.73 -21.97 -15.88
C GLU A 77 4.88 -23.39 -15.34
N GLY A 78 5.72 -23.52 -14.31
CA GLY A 78 5.95 -24.82 -13.71
C GLY A 78 4.71 -25.49 -13.16
N ARG A 79 3.64 -24.73 -12.97
CA ARG A 79 2.39 -25.27 -12.42
C ARG A 79 1.35 -25.52 -13.48
N TYR A 80 1.19 -24.55 -14.37
CA TYR A 80 0.14 -24.65 -15.38
C TYR A 80 0.59 -24.75 -16.82
N GLY A 81 1.88 -24.89 -17.05
CA GLY A 81 2.37 -25.02 -18.42
C GLY A 81 1.83 -23.92 -19.30
N VAL A 82 1.90 -22.70 -18.80
CA VAL A 82 1.45 -21.52 -19.52
C VAL A 82 2.54 -20.50 -19.27
N GLY A 83 2.99 -19.82 -20.32
CA GLY A 83 4.03 -18.84 -20.16
C GLY A 83 3.49 -17.42 -19.98
N LEU A 84 4.24 -16.63 -19.24
CA LEU A 84 3.85 -15.25 -18.99
C LEU A 84 5.07 -14.40 -19.18
N ASP A 85 4.90 -13.23 -19.79
CA ASP A 85 6.00 -12.32 -19.99
C ASP A 85 6.18 -11.48 -18.73
N PRO A 86 7.21 -11.78 -17.94
CA PRO A 86 7.53 -11.09 -16.68
C PRO A 86 7.51 -9.57 -16.78
N ARG A 87 7.86 -9.06 -17.96
CA ARG A 87 7.91 -7.61 -18.16
C ARG A 87 6.59 -7.00 -18.57
N ARG A 88 5.59 -7.83 -18.86
CA ARG A 88 4.32 -7.31 -19.33
C ARG A 88 3.09 -7.92 -18.66
N GLU A 89 3.19 -9.15 -18.19
CA GLU A 89 2.06 -9.84 -17.59
C GLU A 89 2.19 -10.21 -16.11
N ALA A 90 3.03 -9.47 -15.39
CA ALA A 90 3.22 -9.70 -13.96
C ALA A 90 3.50 -8.38 -13.27
N LEU A 91 3.09 -8.27 -12.02
CA LEU A 91 3.34 -7.04 -11.26
C LEU A 91 3.51 -7.37 -9.80
N ALA A 92 4.62 -6.91 -9.22
CA ALA A 92 4.87 -7.15 -7.81
C ALA A 92 3.78 -6.44 -7.01
N LEU A 93 3.39 -7.03 -5.88
CA LEU A 93 2.37 -6.47 -5.02
C LEU A 93 2.91 -6.40 -3.60
N ILE A 94 2.50 -5.37 -2.85
CA ILE A 94 2.91 -5.23 -1.47
C ILE A 94 1.86 -5.99 -0.67
N GLY A 95 1.78 -7.30 -0.94
CA GLY A 95 0.78 -8.16 -0.32
C GLY A 95 -0.36 -8.14 -1.30
N SER A 96 -1.16 -9.21 -1.38
CA SER A 96 -2.26 -9.23 -2.35
C SER A 96 -3.42 -8.30 -2.05
N GLN A 97 -3.73 -8.11 -0.77
CA GLN A 97 -4.83 -7.23 -0.36
C GLN A 97 -4.75 -5.92 -1.12
N GLU A 98 -3.54 -5.38 -1.11
CA GLU A 98 -3.21 -4.13 -1.77
C GLU A 98 -3.52 -4.20 -3.27
N GLY A 99 -3.18 -5.33 -3.87
CA GLY A 99 -3.41 -5.52 -5.29
C GLY A 99 -4.88 -5.51 -5.66
N LEU A 100 -5.67 -6.26 -4.92
CA LEU A 100 -7.10 -6.34 -5.17
C LEU A 100 -7.79 -4.98 -5.16
N ALA A 101 -7.57 -4.24 -4.08
CA ALA A 101 -8.18 -2.92 -3.92
C ALA A 101 -7.80 -1.98 -5.04
N HIS A 102 -6.51 -1.88 -5.31
CA HIS A 102 -6.05 -0.99 -6.36
C HIS A 102 -6.41 -1.46 -7.76
N LEU A 103 -6.55 -2.77 -7.93
CA LEU A 103 -6.92 -3.32 -9.23
C LEU A 103 -8.36 -2.89 -9.51
N LEU A 104 -9.21 -3.01 -8.50
CA LEU A 104 -10.61 -2.60 -8.66
C LEU A 104 -10.65 -1.15 -9.09
N LEU A 105 -9.86 -0.31 -8.43
CA LEU A 105 -9.80 1.10 -8.81
C LEU A 105 -9.32 1.30 -10.25
N ALA A 106 -8.25 0.61 -10.61
CA ALA A 106 -7.68 0.72 -11.96
C ALA A 106 -8.64 0.30 -13.06
N LEU A 107 -9.40 -0.76 -12.82
CA LEU A 107 -10.33 -1.28 -13.82
C LEU A 107 -11.75 -0.73 -13.83
N THR A 108 -12.05 0.24 -12.97
CA THR A 108 -13.42 0.76 -12.91
C THR A 108 -13.60 2.27 -12.73
N GLU A 109 -14.86 2.66 -12.78
CA GLU A 109 -15.29 4.05 -12.57
C GLU A 109 -16.39 3.97 -11.52
N PRO A 110 -16.54 5.02 -10.70
CA PRO A 110 -17.57 5.05 -9.67
C PRO A 110 -18.90 4.62 -10.26
N GLU A 111 -19.62 3.79 -9.50
CA GLU A 111 -20.93 3.27 -9.88
C GLU A 111 -20.89 2.07 -10.85
N ASP A 112 -19.70 1.60 -11.24
CA ASP A 112 -19.63 0.44 -12.11
C ASP A 112 -20.11 -0.73 -11.24
N LEU A 113 -20.62 -1.78 -11.86
CA LEU A 113 -21.12 -2.93 -11.13
C LEU A 113 -20.12 -4.07 -10.98
N LEU A 114 -19.96 -4.51 -9.74
CA LEU A 114 -19.05 -5.59 -9.40
C LEU A 114 -19.86 -6.78 -8.93
N LEU A 115 -19.46 -7.98 -9.36
CA LEU A 115 -20.13 -9.20 -8.93
C LEU A 115 -19.15 -9.98 -8.07
N LEU A 116 -19.62 -10.41 -6.90
CA LEU A 116 -18.82 -11.20 -5.99
C LEU A 116 -19.81 -12.03 -5.18
N PRO A 117 -19.35 -13.08 -4.50
CA PRO A 117 -20.23 -13.93 -3.70
C PRO A 117 -20.86 -13.26 -2.47
N GLU A 118 -22.02 -13.76 -2.06
CA GLU A 118 -22.72 -13.25 -0.89
C GLU A 118 -21.94 -13.65 0.37
N VAL A 119 -20.88 -14.43 0.16
CA VAL A 119 -20.02 -14.87 1.25
C VAL A 119 -18.60 -14.66 0.74
N ALA A 120 -17.84 -13.80 1.41
CA ALA A 120 -16.48 -13.55 0.98
C ALA A 120 -15.65 -12.91 2.06
N TYR A 121 -14.37 -12.75 1.77
CA TYR A 121 -13.45 -12.12 2.68
C TYR A 121 -13.98 -10.70 2.89
N PRO A 122 -14.19 -10.28 4.14
CA PRO A 122 -14.73 -8.93 4.43
C PRO A 122 -14.16 -7.75 3.64
N SER A 123 -12.84 -7.66 3.52
CA SER A 123 -12.25 -6.55 2.79
C SER A 123 -12.67 -6.44 1.31
N TYR A 124 -13.23 -7.51 0.75
CA TYR A 124 -13.67 -7.41 -0.65
C TYR A 124 -14.78 -6.36 -0.74
N PHE A 125 -15.77 -6.47 0.14
CA PHE A 125 -16.86 -5.50 0.13
C PHE A 125 -16.29 -4.12 0.40
N GLY A 126 -15.38 -4.02 1.35
CA GLY A 126 -14.77 -2.75 1.69
C GLY A 126 -14.03 -2.13 0.52
N ALA A 127 -13.28 -2.98 -0.20
CA ALA A 127 -12.53 -2.54 -1.36
C ALA A 127 -13.50 -2.01 -2.39
N ALA A 128 -14.59 -2.74 -2.59
CA ALA A 128 -15.61 -2.31 -3.55
C ALA A 128 -16.11 -0.91 -3.16
N ARG A 129 -16.30 -0.67 -1.85
CA ARG A 129 -16.76 0.63 -1.41
C ARG A 129 -15.73 1.72 -1.71
N VAL A 130 -14.47 1.41 -1.46
CA VAL A 130 -13.41 2.37 -1.70
C VAL A 130 -13.43 2.81 -3.17
N ALA A 131 -13.82 1.88 -4.04
CA ALA A 131 -13.89 2.13 -5.47
C ALA A 131 -15.21 2.76 -5.90
N SER A 132 -16.12 2.94 -4.93
CA SER A 132 -17.43 3.55 -5.18
C SER A 132 -18.20 2.66 -6.15
N LEU A 133 -18.06 1.37 -5.97
CA LEU A 133 -18.71 0.41 -6.86
C LEU A 133 -20.00 -0.14 -6.30
N ARG A 134 -20.93 -0.44 -7.19
CA ARG A 134 -22.19 -1.05 -6.80
C ARG A 134 -21.90 -2.54 -6.85
N THR A 135 -22.70 -3.34 -6.17
CA THR A 135 -22.45 -4.76 -6.16
C THR A 135 -23.70 -5.60 -6.29
N PHE A 136 -23.50 -6.85 -6.69
CA PHE A 136 -24.54 -7.85 -6.82
C PHE A 136 -23.90 -9.05 -6.15
N LEU A 137 -24.49 -9.53 -5.06
CA LEU A 137 -23.92 -10.67 -4.35
C LEU A 137 -24.48 -11.98 -4.87
N ILE A 138 -23.58 -12.79 -5.43
CA ILE A 138 -23.97 -14.08 -5.98
C ILE A 138 -24.20 -15.09 -4.88
N PRO A 139 -25.38 -15.70 -4.84
CA PRO A 139 -25.62 -16.69 -3.79
C PRO A 139 -24.79 -17.94 -4.04
N LEU A 140 -24.49 -18.67 -2.97
CA LEU A 140 -23.71 -19.89 -3.06
C LEU A 140 -24.56 -21.11 -3.39
N ARG A 141 -23.91 -22.14 -3.94
CA ARG A 141 -24.57 -23.40 -4.27
C ARG A 141 -24.37 -24.26 -3.03
N GLU A 142 -24.96 -25.46 -3.02
CA GLU A 142 -24.84 -26.34 -1.86
C GLU A 142 -23.39 -26.73 -1.59
N ASP A 143 -22.58 -26.82 -2.65
CA ASP A 143 -21.18 -27.19 -2.47
C ASP A 143 -20.29 -26.03 -2.00
N GLY A 144 -20.86 -24.84 -1.83
CA GLY A 144 -20.06 -23.72 -1.34
C GLY A 144 -19.42 -22.81 -2.37
N LEU A 145 -19.63 -23.09 -3.65
CA LEU A 145 -19.09 -22.25 -4.72
C LEU A 145 -20.17 -21.24 -5.14
N ALA A 146 -19.76 -20.06 -5.56
CA ALA A 146 -20.73 -19.06 -6.01
C ALA A 146 -21.55 -19.67 -7.17
N ASP A 147 -22.86 -19.44 -7.15
CA ASP A 147 -23.74 -19.98 -8.19
C ASP A 147 -23.80 -19.02 -9.37
N LEU A 148 -22.94 -19.25 -10.35
CA LEU A 148 -22.87 -18.39 -11.52
C LEU A 148 -24.15 -18.46 -12.33
N LYS A 149 -24.89 -19.55 -12.18
CA LYS A 149 -26.14 -19.69 -12.91
C LYS A 149 -27.27 -18.85 -12.29
N ALA A 150 -27.07 -18.30 -11.10
CA ALA A 150 -28.10 -17.49 -10.46
C ALA A 150 -28.03 -16.02 -10.83
N VAL A 151 -27.02 -15.66 -11.61
CA VAL A 151 -26.89 -14.26 -12.01
C VAL A 151 -27.81 -13.97 -13.19
N PRO A 152 -28.83 -13.11 -12.99
CA PRO A 152 -29.73 -12.79 -14.09
C PRO A 152 -29.06 -12.07 -15.26
N GLU A 153 -29.56 -12.34 -16.45
CA GLU A 153 -29.04 -11.75 -17.68
C GLU A 153 -28.82 -10.25 -17.56
N GLY A 154 -29.82 -9.57 -17.03
CA GLY A 154 -29.74 -8.13 -16.88
C GLY A 154 -28.56 -7.71 -16.02
N VAL A 155 -28.28 -8.49 -14.99
CA VAL A 155 -27.15 -8.19 -14.12
C VAL A 155 -25.85 -8.43 -14.88
N TRP A 156 -25.80 -9.48 -15.69
CA TRP A 156 -24.60 -9.76 -16.48
C TRP A 156 -24.33 -8.64 -17.46
N ARG A 157 -25.39 -8.12 -18.09
CA ARG A 157 -25.23 -7.07 -19.08
C ARG A 157 -24.64 -5.77 -18.56
N GLU A 158 -24.93 -5.42 -17.31
CA GLU A 158 -24.40 -4.18 -16.76
C GLU A 158 -23.14 -4.37 -15.91
N ALA A 159 -22.80 -5.61 -15.61
CA ALA A 159 -21.60 -5.89 -14.81
C ALA A 159 -20.34 -5.50 -15.56
N LYS A 160 -19.25 -5.26 -14.82
CA LYS A 160 -17.99 -4.87 -15.41
C LYS A 160 -16.85 -5.73 -14.89
N VAL A 161 -17.04 -6.28 -13.70
CA VAL A 161 -16.02 -7.10 -13.07
C VAL A 161 -16.63 -8.24 -12.28
N LEU A 162 -15.96 -9.39 -12.33
CA LEU A 162 -16.39 -10.57 -11.60
C LEU A 162 -15.21 -10.91 -10.69
N LEU A 163 -15.51 -11.11 -9.41
CA LEU A 163 -14.46 -11.41 -8.44
C LEU A 163 -14.71 -12.76 -7.81
N LEU A 164 -13.69 -13.61 -7.81
CA LEU A 164 -13.81 -14.94 -7.24
C LEU A 164 -12.59 -15.30 -6.43
N ASN A 165 -12.72 -16.30 -5.57
CA ASN A 165 -11.63 -16.72 -4.69
C ASN A 165 -11.68 -18.20 -4.34
N TYR A 166 -10.90 -19.02 -5.04
CA TYR A 166 -10.90 -20.45 -4.75
C TYR A 166 -9.51 -21.04 -4.87
N PRO A 167 -9.07 -21.82 -3.85
CA PRO A 167 -9.72 -22.22 -2.59
C PRO A 167 -10.33 -21.00 -1.86
N ASN A 168 -11.50 -21.19 -1.28
CA ASN A 168 -12.21 -20.08 -0.67
C ASN A 168 -12.19 -19.82 0.85
N ASN A 169 -12.17 -18.53 1.17
CA ASN A 169 -12.24 -18.04 2.56
C ASN A 169 -13.58 -17.32 2.50
N PRO A 170 -14.50 -17.61 3.44
CA PRO A 170 -14.42 -18.54 4.56
C PRO A 170 -14.94 -19.97 4.37
N THR A 171 -15.45 -20.33 3.20
CA THR A 171 -16.00 -21.67 3.04
C THR A 171 -15.01 -22.82 2.95
N GLY A 172 -13.80 -22.55 2.49
CA GLY A 172 -12.83 -23.61 2.35
C GLY A 172 -13.15 -24.46 1.13
N ALA A 173 -14.04 -23.94 0.28
CA ALA A 173 -14.46 -24.62 -0.93
C ALA A 173 -13.41 -24.57 -2.04
N VAL A 174 -13.34 -25.64 -2.81
CA VAL A 174 -12.40 -25.70 -3.91
C VAL A 174 -13.16 -25.74 -5.22
N ALA A 175 -12.64 -25.04 -6.22
CA ALA A 175 -13.27 -25.03 -7.54
C ALA A 175 -12.45 -26.00 -8.42
N ASP A 176 -13.06 -26.49 -9.49
CA ASP A 176 -12.34 -27.39 -10.40
C ASP A 176 -12.16 -26.65 -11.73
N TRP A 177 -11.60 -27.32 -12.74
CA TRP A 177 -11.40 -26.63 -14.02
C TRP A 177 -12.69 -26.27 -14.73
N GLY A 178 -13.71 -27.10 -14.59
CA GLY A 178 -14.99 -26.83 -15.24
C GLY A 178 -15.60 -25.53 -14.74
N TYR A 179 -15.59 -25.34 -13.43
CA TYR A 179 -16.15 -24.14 -12.83
C TYR A 179 -15.45 -22.91 -13.39
N PHE A 180 -14.12 -22.91 -13.39
CA PHE A 180 -13.38 -21.77 -13.90
C PHE A 180 -13.62 -21.57 -15.39
N GLU A 181 -13.70 -22.67 -16.16
CA GLU A 181 -13.94 -22.56 -17.60
C GLU A 181 -15.31 -21.93 -17.77
N GLU A 182 -16.25 -22.30 -16.91
CA GLU A 182 -17.58 -21.72 -16.97
C GLU A 182 -17.50 -20.22 -16.66
N ALA A 183 -16.81 -19.89 -15.57
CA ALA A 183 -16.65 -18.49 -15.17
C ALA A 183 -16.01 -17.64 -16.25
N LEU A 184 -14.93 -18.13 -16.84
CA LEU A 184 -14.24 -17.38 -17.88
C LEU A 184 -15.12 -17.16 -19.11
N GLY A 185 -15.94 -18.16 -19.43
CA GLY A 185 -16.82 -18.06 -20.57
C GLY A 185 -17.82 -16.94 -20.41
N LEU A 186 -18.44 -16.88 -19.23
CA LEU A 186 -19.41 -15.85 -18.95
C LEU A 186 -18.73 -14.48 -19.00
N ALA A 187 -17.59 -14.36 -18.31
CA ALA A 187 -16.87 -13.10 -18.31
C ALA A 187 -16.59 -12.66 -19.76
N ARG A 188 -16.15 -13.60 -20.59
CA ARG A 188 -15.85 -13.31 -22.00
C ARG A 188 -17.13 -12.94 -22.76
N LYS A 189 -18.16 -13.74 -22.58
CA LYS A 189 -19.44 -13.50 -23.26
C LYS A 189 -20.03 -12.13 -22.89
N HIS A 190 -19.85 -11.70 -21.65
CA HIS A 190 -20.41 -10.41 -21.24
C HIS A 190 -19.34 -9.34 -21.12
N GLY A 191 -18.19 -9.57 -21.74
CA GLY A 191 -17.11 -8.62 -21.71
C GLY A 191 -16.80 -8.06 -20.33
N LEU A 192 -16.45 -8.93 -19.39
CA LEU A 192 -16.13 -8.50 -18.03
C LEU A 192 -14.69 -8.81 -17.73
N TRP A 193 -14.14 -8.14 -16.72
CA TRP A 193 -12.78 -8.45 -16.29
C TRP A 193 -13.01 -9.57 -15.30
N LEU A 194 -12.05 -10.45 -15.16
CA LEU A 194 -12.19 -11.55 -14.22
C LEU A 194 -11.00 -11.50 -13.29
N ILE A 195 -11.28 -11.20 -12.02
CA ILE A 195 -10.25 -11.12 -11.01
C ILE A 195 -10.38 -12.35 -10.14
N HIS A 196 -9.28 -13.07 -9.99
CA HIS A 196 -9.31 -14.22 -9.13
C HIS A 196 -8.22 -14.06 -8.10
N ASP A 197 -8.64 -14.00 -6.85
CA ASP A 197 -7.74 -13.87 -5.72
C ASP A 197 -7.40 -15.30 -5.33
N ASN A 198 -6.12 -15.63 -5.33
CA ASN A 198 -5.74 -16.99 -5.01
C ASN A 198 -4.65 -17.09 -3.94
N PRO A 199 -4.93 -16.55 -2.75
CA PRO A 199 -3.95 -16.60 -1.67
C PRO A 199 -3.74 -18.01 -1.12
N TYR A 200 -4.75 -18.86 -1.23
CA TYR A 200 -4.63 -20.22 -0.71
C TYR A 200 -4.35 -21.29 -1.77
N VAL A 201 -3.73 -20.89 -2.87
CA VAL A 201 -3.40 -21.82 -3.96
C VAL A 201 -2.73 -23.09 -3.45
N ASP A 202 -1.69 -22.94 -2.64
CA ASP A 202 -0.95 -24.09 -2.10
C ASP A 202 -1.57 -24.74 -0.89
N GLN A 203 -2.85 -24.53 -0.65
CA GLN A 203 -3.46 -25.14 0.53
C GLN A 203 -4.50 -26.21 0.28
N VAL A 204 -4.61 -26.66 -0.98
CA VAL A 204 -5.53 -27.73 -1.31
C VAL A 204 -4.95 -28.93 -0.58
N TYR A 205 -5.79 -29.81 -0.09
CA TYR A 205 -5.33 -30.98 0.65
C TYR A 205 -4.84 -32.09 -0.27
N GLU A 206 -5.51 -32.23 -1.42
CA GLU A 206 -5.17 -33.28 -2.38
C GLU A 206 -4.86 -32.76 -3.79
N GLY A 207 -3.58 -32.68 -4.14
CA GLY A 207 -3.27 -32.27 -5.50
C GLY A 207 -2.95 -30.82 -5.80
N GLU A 208 -3.70 -30.23 -6.72
CA GLU A 208 -3.44 -28.84 -7.10
C GLU A 208 -4.69 -28.04 -7.46
N ALA A 209 -4.66 -26.76 -7.12
CA ALA A 209 -5.78 -25.87 -7.38
C ALA A 209 -5.72 -25.31 -8.79
N PRO A 210 -6.87 -25.30 -9.49
CA PRO A 210 -6.92 -24.78 -10.86
C PRO A 210 -6.57 -23.30 -10.90
N SER A 211 -6.46 -22.75 -12.10
CA SER A 211 -6.14 -21.36 -12.28
C SER A 211 -6.86 -20.88 -13.53
N PRO A 212 -7.84 -19.99 -13.37
CA PRO A 212 -8.58 -19.50 -14.53
C PRO A 212 -7.65 -18.83 -15.52
N LEU A 213 -6.49 -18.36 -15.05
CA LEU A 213 -5.55 -17.73 -15.96
C LEU A 213 -4.92 -18.82 -16.84
N ALA A 214 -5.00 -20.08 -16.37
CA ALA A 214 -4.44 -21.19 -17.11
C ALA A 214 -5.32 -21.68 -18.26
N LEU A 215 -6.47 -21.05 -18.45
CA LEU A 215 -7.39 -21.45 -19.50
C LEU A 215 -7.26 -20.62 -20.78
N PRO A 216 -7.75 -21.15 -21.91
CA PRO A 216 -7.70 -20.48 -23.22
C PRO A 216 -8.39 -19.12 -23.26
N GLY A 217 -7.69 -18.12 -23.75
CA GLY A 217 -8.27 -16.79 -23.83
C GLY A 217 -8.17 -15.94 -22.56
N ALA A 218 -7.76 -16.57 -21.45
CA ALA A 218 -7.62 -15.90 -20.15
C ALA A 218 -6.80 -14.62 -20.19
N LYS A 219 -5.63 -14.67 -20.81
CA LYS A 219 -4.74 -13.52 -20.89
C LYS A 219 -5.41 -12.23 -21.35
N GLU A 220 -6.62 -12.35 -21.89
CA GLU A 220 -7.37 -11.19 -22.37
C GLU A 220 -8.14 -10.43 -21.29
N ARG A 221 -8.56 -11.14 -20.26
CA ARG A 221 -9.40 -10.52 -19.25
C ARG A 221 -9.24 -11.03 -17.82
N VAL A 222 -8.21 -11.82 -17.57
CA VAL A 222 -8.01 -12.37 -16.25
C VAL A 222 -6.80 -11.84 -15.53
N VAL A 223 -6.98 -11.53 -14.25
CA VAL A 223 -5.86 -11.13 -13.41
C VAL A 223 -5.99 -12.01 -12.18
N GLU A 224 -4.93 -12.74 -11.88
CA GLU A 224 -4.95 -13.61 -10.73
C GLU A 224 -3.94 -13.05 -9.74
N LEU A 225 -4.28 -13.12 -8.46
CA LEU A 225 -3.42 -12.58 -7.43
C LEU A 225 -2.90 -13.65 -6.49
N PHE A 226 -1.59 -13.64 -6.29
CA PHE A 226 -0.94 -14.60 -5.41
C PHE A 226 -0.20 -13.85 -4.33
N SER A 227 0.05 -14.53 -3.23
CA SER A 227 0.74 -13.94 -2.09
C SER A 227 1.73 -14.90 -1.47
N LEU A 228 2.77 -14.38 -0.83
CA LEU A 228 3.74 -15.24 -0.16
C LEU A 228 3.25 -15.51 1.28
N SER A 229 2.21 -14.78 1.69
CA SER A 229 1.67 -14.89 3.06
C SER A 229 1.26 -16.27 3.53
N LYS A 230 0.36 -16.91 2.79
CA LYS A 230 -0.13 -18.22 3.16
C LYS A 230 0.78 -19.37 2.77
N SER A 231 1.29 -19.36 1.54
CA SER A 231 2.15 -20.43 1.06
C SER A 231 3.44 -20.57 1.84
N TYR A 232 4.01 -19.46 2.27
CA TYR A 232 5.28 -19.50 3.00
C TYR A 232 5.28 -18.99 4.44
N ASN A 233 4.10 -18.64 4.95
CA ASN A 233 3.96 -18.10 6.31
C ASN A 233 4.85 -16.88 6.48
N LEU A 234 4.68 -15.93 5.56
CA LEU A 234 5.45 -14.69 5.59
C LEU A 234 4.51 -13.50 5.43
N ALA A 235 3.32 -13.64 6.02
CA ALA A 235 2.30 -12.59 5.95
C ALA A 235 2.82 -11.19 6.31
N GLY A 236 3.62 -11.12 7.36
CA GLY A 236 4.15 -9.84 7.80
C GLY A 236 5.09 -9.12 6.85
N PHE A 237 5.69 -9.83 5.91
CA PHE A 237 6.64 -9.19 4.99
C PHE A 237 5.99 -8.51 3.80
N ARG A 238 4.70 -8.70 3.66
CA ARG A 238 3.92 -8.05 2.60
C ARG A 238 4.46 -8.17 1.17
N LEU A 239 4.33 -9.35 0.58
CA LEU A 239 4.77 -9.52 -0.80
C LEU A 239 3.86 -10.51 -1.51
N GLY A 240 3.43 -10.12 -2.70
CA GLY A 240 2.59 -10.98 -3.51
C GLY A 240 2.82 -10.60 -4.96
N PHE A 241 2.03 -11.16 -5.86
CA PHE A 241 2.20 -10.82 -7.26
C PHE A 241 0.94 -11.01 -8.09
N ALA A 242 0.75 -10.11 -9.05
CA ALA A 242 -0.40 -10.17 -9.95
C ALA A 242 0.06 -10.76 -11.30
N LEU A 243 -0.76 -11.62 -11.88
CA LEU A 243 -0.42 -12.23 -13.17
C LEU A 243 -1.60 -12.18 -14.13
N GLY A 244 -1.30 -12.04 -15.42
CA GLY A 244 -2.37 -12.02 -16.41
C GLY A 244 -2.43 -10.84 -17.36
N SER A 245 -3.64 -10.54 -17.81
CA SER A 245 -3.92 -9.45 -18.74
C SER A 245 -2.95 -8.28 -18.71
N GLU A 246 -2.23 -8.11 -19.81
CA GLU A 246 -1.29 -7.03 -19.93
C GLU A 246 -2.03 -5.70 -19.84
N GLU A 247 -3.20 -5.63 -20.46
CA GLU A 247 -3.99 -4.40 -20.43
C GLU A 247 -4.39 -4.06 -19.00
N ALA A 248 -4.89 -5.05 -18.27
CA ALA A 248 -5.32 -4.83 -16.89
C ALA A 248 -4.17 -4.38 -16.01
N LEU A 249 -3.07 -5.14 -16.05
CA LEU A 249 -1.91 -4.82 -15.23
C LEU A 249 -1.28 -3.46 -15.52
N ALA A 250 -1.40 -2.96 -16.74
CA ALA A 250 -0.83 -1.66 -17.06
C ALA A 250 -1.65 -0.62 -16.33
N ARG A 251 -2.93 -0.90 -16.15
CA ARG A 251 -3.81 0.02 -15.44
C ARG A 251 -3.45 -0.04 -13.97
N LEU A 252 -3.30 -1.25 -13.44
CA LEU A 252 -2.92 -1.43 -12.05
C LEU A 252 -1.60 -0.76 -11.77
N GLU A 253 -0.63 -0.96 -12.66
CA GLU A 253 0.69 -0.38 -12.50
C GLU A 253 0.62 1.14 -12.43
N ARG A 254 -0.27 1.72 -13.21
CA ARG A 254 -0.43 3.16 -13.22
C ARG A 254 -0.98 3.67 -11.88
N VAL A 255 -1.90 2.92 -11.28
CA VAL A 255 -2.47 3.30 -9.99
C VAL A 255 -1.45 3.17 -8.86
N LYS A 256 -0.82 2.01 -8.76
CA LYS A 256 0.18 1.79 -7.73
C LYS A 256 1.31 2.79 -7.88
N GLY A 257 1.54 3.23 -9.11
CA GLY A 257 2.59 4.20 -9.39
C GLY A 257 2.39 5.56 -8.73
N VAL A 258 1.13 5.95 -8.52
CA VAL A 258 0.85 7.22 -7.88
C VAL A 258 0.58 7.03 -6.39
N ILE A 259 0.57 5.77 -5.95
CA ILE A 259 0.29 5.44 -4.56
C ILE A 259 1.48 4.87 -3.77
N ASP A 260 2.32 4.06 -4.41
CA ASP A 260 3.46 3.47 -3.71
C ASP A 260 4.74 3.35 -4.52
N PHE A 261 5.71 2.65 -3.96
CA PHE A 261 7.00 2.40 -4.56
C PHE A 261 7.40 0.95 -4.31
N ASN A 262 6.43 0.04 -4.37
CA ASN A 262 6.70 -1.37 -4.13
C ASN A 262 7.32 -1.59 -2.76
N GLN A 263 7.63 -2.84 -2.46
CA GLN A 263 8.23 -3.21 -1.20
C GLN A 263 9.75 -3.05 -1.23
N TYR A 264 10.37 -3.17 -0.06
CA TYR A 264 11.82 -3.05 0.06
C TYR A 264 12.53 -4.13 -0.77
N ALA A 265 13.54 -3.71 -1.53
CA ALA A 265 14.32 -4.62 -2.37
C ALA A 265 14.65 -5.90 -1.63
N GLY A 266 15.10 -5.77 -0.37
CA GLY A 266 15.42 -6.96 0.39
C GLY A 266 14.30 -7.98 0.48
N VAL A 267 13.06 -7.50 0.47
CA VAL A 267 11.91 -8.41 0.54
C VAL A 267 11.65 -9.11 -0.78
N LEU A 268 11.93 -8.42 -1.89
CA LEU A 268 11.78 -9.02 -3.21
C LEU A 268 12.74 -10.20 -3.35
N ARG A 269 13.95 -10.05 -2.81
CA ARG A 269 14.94 -11.12 -2.85
C ARG A 269 14.43 -12.24 -1.97
N MET A 270 13.73 -11.85 -0.92
CA MET A 270 13.15 -12.82 0.00
C MET A 270 12.11 -13.58 -0.82
N GLY A 271 11.44 -12.86 -1.69
CA GLY A 271 10.43 -13.46 -2.55
C GLY A 271 11.01 -14.48 -3.51
N VAL A 272 12.07 -14.09 -4.23
CA VAL A 272 12.72 -14.97 -5.18
C VAL A 272 13.09 -16.28 -4.49
N GLU A 273 13.63 -16.16 -3.28
CA GLU A 273 14.05 -17.33 -2.51
C GLU A 273 12.86 -18.15 -2.04
N ALA A 274 11.80 -17.48 -1.62
CA ALA A 274 10.60 -18.15 -1.12
C ALA A 274 9.97 -19.03 -2.16
N LEU A 275 9.96 -18.56 -3.41
CA LEU A 275 9.39 -19.33 -4.50
C LEU A 275 10.21 -20.57 -4.80
N LYS A 276 11.49 -20.53 -4.45
CA LYS A 276 12.40 -21.66 -4.68
C LYS A 276 12.33 -22.69 -3.56
N THR A 277 11.46 -22.45 -2.58
CA THR A 277 11.32 -23.38 -1.45
C THR A 277 10.95 -24.77 -1.96
N PRO A 278 11.61 -25.81 -1.45
CA PRO A 278 11.26 -27.15 -1.92
C PRO A 278 9.75 -27.31 -1.80
N LYS A 279 9.12 -27.85 -2.85
CA LYS A 279 7.69 -28.03 -2.84
C LYS A 279 7.26 -29.00 -1.75
N GLU A 280 8.21 -29.74 -1.21
CA GLU A 280 7.91 -30.70 -0.16
C GLU A 280 7.51 -29.97 1.12
N VAL A 281 8.16 -28.84 1.38
CA VAL A 281 7.89 -28.02 2.57
C VAL A 281 6.50 -27.40 2.50
N VAL A 282 6.16 -26.84 1.34
CA VAL A 282 4.88 -26.20 1.13
C VAL A 282 3.73 -27.19 1.26
N ARG A 283 3.92 -28.40 0.74
CA ARG A 283 2.88 -29.42 0.81
C ARG A 283 2.77 -29.92 2.23
N GLY A 284 3.89 -29.85 2.95
CA GLY A 284 3.88 -30.26 4.35
C GLY A 284 2.92 -29.37 5.15
N TYR A 285 2.90 -28.08 4.83
CA TYR A 285 2.01 -27.14 5.51
C TYR A 285 0.57 -27.58 5.29
N ALA A 286 0.21 -27.76 4.02
CA ALA A 286 -1.14 -28.17 3.65
C ALA A 286 -1.52 -29.47 4.34
N ARG A 287 -0.51 -30.31 4.56
CA ARG A 287 -0.66 -31.60 5.21
C ARG A 287 -1.15 -31.38 6.65
N VAL A 288 -0.55 -30.39 7.31
CA VAL A 288 -0.93 -30.07 8.69
C VAL A 288 -2.40 -29.64 8.74
N TYR A 289 -2.80 -28.75 7.84
CA TYR A 289 -4.19 -28.30 7.81
C TYR A 289 -5.14 -29.44 7.47
N ARG A 290 -4.72 -30.34 6.59
CA ARG A 290 -5.56 -31.46 6.21
C ARG A 290 -5.83 -32.33 7.42
N GLU A 291 -4.77 -32.61 8.18
CA GLU A 291 -4.90 -33.43 9.37
C GLU A 291 -5.84 -32.76 10.38
N ARG A 292 -5.68 -31.46 10.56
CA ARG A 292 -6.50 -30.71 11.51
C ARG A 292 -7.95 -30.66 11.08
N ALA A 293 -8.16 -30.36 9.79
CA ALA A 293 -9.49 -30.27 9.24
C ALA A 293 -10.30 -31.55 9.37
N LEU A 294 -9.67 -32.68 9.05
CA LEU A 294 -10.37 -33.97 9.10
C LEU A 294 -10.61 -34.44 10.52
N GLY A 295 -9.65 -34.20 11.42
CA GLY A 295 -9.83 -34.62 12.79
C GLY A 295 -10.96 -33.87 13.46
N MET A 296 -10.87 -32.54 13.43
CA MET A 296 -11.90 -31.73 14.06
C MET A 296 -13.25 -31.97 13.42
N ALA A 297 -13.27 -32.13 12.10
CA ALA A 297 -14.52 -32.37 11.40
C ALA A 297 -15.15 -33.66 11.90
N GLU A 298 -14.33 -34.65 12.24
CA GLU A 298 -14.84 -35.91 12.74
C GLU A 298 -15.57 -35.63 14.05
N ALA A 299 -14.93 -34.83 14.89
CA ALA A 299 -15.46 -34.45 16.20
C ALA A 299 -16.70 -33.53 16.15
N LEU A 300 -16.91 -32.86 15.03
CA LEU A 300 -18.06 -31.96 14.91
C LEU A 300 -19.27 -32.64 14.25
N LYS A 301 -19.09 -33.85 13.74
CA LYS A 301 -20.19 -34.58 13.12
C LYS A 301 -21.39 -34.60 14.08
N GLY A 302 -22.54 -34.15 13.61
CA GLY A 302 -23.71 -34.14 14.46
C GLY A 302 -23.97 -32.79 15.10
N VAL A 303 -22.88 -32.06 15.37
CA VAL A 303 -22.93 -30.73 15.97
C VAL A 303 -23.13 -29.68 14.88
N LEU A 304 -22.15 -29.62 13.97
CA LEU A 304 -22.20 -28.70 12.85
C LEU A 304 -22.19 -29.52 11.57
N SER A 305 -22.95 -29.10 10.58
CA SER A 305 -22.98 -29.81 9.31
C SER A 305 -21.89 -29.19 8.46
N LEU A 306 -20.77 -29.89 8.33
CA LEU A 306 -19.63 -29.41 7.58
C LEU A 306 -19.54 -29.92 6.15
N LEU A 307 -18.99 -29.09 5.29
CA LEU A 307 -18.78 -29.44 3.89
C LEU A 307 -17.55 -30.35 3.96
N PRO A 308 -17.43 -31.35 3.06
CA PRO A 308 -16.24 -32.20 3.15
C PRO A 308 -14.98 -31.34 3.06
N PRO A 309 -14.12 -31.40 4.06
CA PRO A 309 -12.89 -30.60 4.06
C PRO A 309 -11.98 -30.95 2.88
N ARG A 310 -11.63 -29.94 2.09
CA ARG A 310 -10.76 -30.15 0.93
C ARG A 310 -9.60 -29.17 0.79
N ALA A 311 -9.66 -28.02 1.45
CA ALA A 311 -8.57 -27.05 1.37
C ALA A 311 -8.70 -25.91 2.38
N THR A 312 -7.62 -25.14 2.54
CA THR A 312 -7.53 -24.00 3.45
C THR A 312 -7.45 -24.35 4.93
N MET A 313 -7.14 -23.33 5.73
CA MET A 313 -7.06 -23.48 7.18
C MET A 313 -8.45 -23.20 7.76
N TYR A 314 -9.47 -23.25 6.90
CA TYR A 314 -10.82 -22.95 7.33
C TYR A 314 -11.81 -24.09 7.27
N LEU A 315 -12.69 -24.12 8.27
CA LEU A 315 -13.77 -25.10 8.35
C LEU A 315 -15.04 -24.24 8.39
N TRP A 316 -16.03 -24.57 7.57
CA TRP A 316 -17.26 -23.79 7.50
C TRP A 316 -18.51 -24.61 7.83
N GLY A 317 -18.90 -24.59 9.10
CA GLY A 317 -20.05 -25.36 9.55
C GLY A 317 -21.36 -24.60 9.67
N ARG A 318 -22.45 -25.28 9.32
CA ARG A 318 -23.78 -24.70 9.41
C ARG A 318 -24.35 -25.01 10.79
N LEU A 319 -24.76 -23.97 11.51
CA LEU A 319 -25.30 -24.15 12.86
C LEU A 319 -26.67 -24.80 12.85
N PRO A 320 -27.10 -25.40 13.98
CA PRO A 320 -28.40 -26.05 14.07
C PRO A 320 -29.48 -25.01 13.74
N GLU A 321 -30.56 -25.46 13.11
CA GLU A 321 -31.65 -24.57 12.74
C GLU A 321 -32.17 -23.79 13.95
N GLY A 322 -32.21 -22.48 13.83
CA GLY A 322 -32.70 -21.68 14.94
C GLY A 322 -31.64 -20.91 15.71
N VAL A 323 -30.41 -21.41 15.75
CA VAL A 323 -29.37 -20.71 16.49
C VAL A 323 -28.67 -19.66 15.63
N ASP A 324 -28.50 -18.48 16.20
CA ASP A 324 -27.87 -17.37 15.50
C ASP A 324 -26.36 -17.42 15.68
N ASP A 325 -25.64 -17.22 14.58
CA ASP A 325 -24.18 -17.27 14.62
C ASP A 325 -23.51 -16.24 15.52
N LEU A 326 -23.95 -14.99 15.47
CA LEU A 326 -23.33 -13.98 16.33
C LEU A 326 -23.62 -14.29 17.79
N GLU A 327 -24.87 -14.64 18.09
CA GLU A 327 -25.26 -14.95 19.46
C GLU A 327 -24.47 -16.17 19.95
N PHE A 328 -24.44 -17.22 19.14
CA PHE A 328 -23.70 -18.42 19.52
C PHE A 328 -22.23 -18.06 19.68
N GLY A 329 -21.71 -17.28 18.73
CA GLY A 329 -20.32 -16.89 18.78
C GLY A 329 -19.90 -16.23 20.10
N LEU A 330 -20.68 -15.27 20.56
CA LEU A 330 -20.39 -14.58 21.82
C LEU A 330 -20.50 -15.58 22.97
N ARG A 331 -21.58 -16.34 22.95
CA ARG A 331 -21.81 -17.35 23.98
C ARG A 331 -20.65 -18.35 24.05
N LEU A 332 -20.08 -18.68 22.91
CA LEU A 332 -18.99 -19.66 22.86
C LEU A 332 -17.67 -19.11 23.41
N VAL A 333 -17.42 -17.83 23.22
CA VAL A 333 -16.18 -17.26 23.72
C VAL A 333 -16.14 -17.41 25.22
N GLU A 334 -17.28 -17.19 25.85
CA GLU A 334 -17.39 -17.29 27.30
C GLU A 334 -17.10 -18.72 27.72
N ARG A 335 -17.35 -19.67 26.81
CA ARG A 335 -17.08 -21.08 27.10
C ARG A 335 -15.64 -21.51 26.78
N GLY A 336 -14.84 -20.59 26.24
CA GLY A 336 -13.45 -20.92 25.93
C GLY A 336 -13.06 -21.13 24.48
N VAL A 337 -13.96 -20.87 23.53
CA VAL A 337 -13.62 -21.04 22.11
C VAL A 337 -14.08 -19.87 21.27
N ALA A 338 -13.13 -19.26 20.56
CA ALA A 338 -13.44 -18.13 19.68
C ALA A 338 -13.54 -18.56 18.21
N LEU A 339 -14.68 -18.30 17.61
CA LEU A 339 -14.91 -18.61 16.20
C LEU A 339 -15.23 -17.30 15.53
N ALA A 340 -15.40 -17.35 14.21
CA ALA A 340 -15.76 -16.18 13.45
C ALA A 340 -17.20 -16.37 12.96
N PRO A 341 -18.13 -15.54 13.43
CA PRO A 341 -19.54 -15.62 13.03
C PRO A 341 -19.68 -15.49 11.52
N GLY A 342 -20.32 -16.48 10.91
CA GLY A 342 -20.47 -16.47 9.46
C GLY A 342 -20.97 -15.15 8.91
N ARG A 343 -21.82 -14.50 9.69
CA ARG A 343 -22.40 -13.22 9.31
C ARG A 343 -21.33 -12.18 9.00
N GLY A 344 -20.16 -12.35 9.60
CA GLY A 344 -19.08 -11.40 9.35
C GLY A 344 -18.52 -11.46 7.93
N PHE A 345 -18.87 -12.50 7.17
CA PHE A 345 -18.39 -12.65 5.80
C PHE A 345 -19.44 -12.30 4.76
N GLY A 346 -20.56 -11.74 5.21
CA GLY A 346 -21.62 -11.38 4.30
C GLY A 346 -22.94 -12.05 4.60
N PRO A 347 -24.03 -11.58 4.00
CA PRO A 347 -25.40 -12.10 4.17
C PRO A 347 -25.60 -13.59 4.01
N GLY A 348 -24.86 -14.22 3.11
CA GLY A 348 -25.03 -15.65 2.94
C GLY A 348 -24.39 -16.40 4.10
N GLY A 349 -23.79 -15.65 5.02
CA GLY A 349 -23.12 -16.26 6.16
C GLY A 349 -23.98 -16.42 7.40
N LYS A 350 -25.25 -16.05 7.33
CA LYS A 350 -26.14 -16.17 8.48
C LYS A 350 -26.32 -17.65 8.82
N GLY A 351 -26.13 -17.99 10.09
CA GLY A 351 -26.31 -19.37 10.50
C GLY A 351 -25.09 -20.24 10.29
N PHE A 352 -23.96 -19.60 9.98
CA PHE A 352 -22.71 -20.32 9.77
C PHE A 352 -21.62 -19.77 10.68
N VAL A 353 -20.58 -20.58 10.90
CA VAL A 353 -19.43 -20.16 11.69
C VAL A 353 -18.20 -20.67 10.97
N ARG A 354 -17.14 -19.87 10.97
CA ARG A 354 -15.90 -20.28 10.33
C ARG A 354 -14.92 -20.61 11.43
N ILE A 355 -14.21 -21.73 11.28
CA ILE A 355 -13.23 -22.16 12.25
C ILE A 355 -11.85 -22.12 11.59
N ALA A 356 -10.89 -21.47 12.24
CA ALA A 356 -9.54 -21.38 11.71
C ALA A 356 -8.70 -22.44 12.39
N LEU A 357 -8.17 -23.36 11.58
CA LEU A 357 -7.36 -24.46 12.07
C LEU A 357 -5.93 -24.02 12.35
N VAL A 358 -5.77 -23.03 13.23
CA VAL A 358 -4.46 -22.49 13.55
C VAL A 358 -3.86 -22.85 14.91
N ARG A 359 -4.32 -23.96 15.47
CA ARG A 359 -3.81 -24.47 16.73
C ARG A 359 -3.67 -25.99 16.57
N PRO A 360 -2.79 -26.63 17.34
CA PRO A 360 -2.62 -28.08 17.23
C PRO A 360 -3.93 -28.86 17.33
N LEU A 361 -3.93 -30.06 16.77
CA LEU A 361 -5.11 -30.92 16.75
C LEU A 361 -5.74 -31.22 18.11
N GLU A 362 -4.92 -31.38 19.15
CA GLU A 362 -5.49 -31.70 20.46
C GLU A 362 -6.31 -30.51 20.94
N GLU A 363 -5.86 -29.30 20.65
CA GLU A 363 -6.59 -28.11 21.05
C GLU A 363 -7.90 -28.03 20.26
N LEU A 364 -7.81 -28.31 18.96
CA LEU A 364 -8.97 -28.28 18.09
C LEU A 364 -9.98 -29.33 18.56
N LEU A 365 -9.46 -30.41 19.14
CA LEU A 365 -10.33 -31.46 19.65
C LEU A 365 -11.08 -30.93 20.89
N GLU A 366 -10.35 -30.30 21.79
CA GLU A 366 -10.96 -29.73 22.99
C GLU A 366 -12.04 -28.74 22.54
N ALA A 367 -11.66 -27.84 21.62
CA ALA A 367 -12.59 -26.85 21.11
C ALA A 367 -13.85 -27.50 20.55
N ALA A 368 -13.69 -28.59 19.82
CA ALA A 368 -14.82 -29.29 19.23
C ALA A 368 -15.75 -29.79 20.33
N LYS A 369 -15.15 -30.24 21.42
CA LYS A 369 -15.91 -30.76 22.55
C LYS A 369 -16.77 -29.63 23.15
N ARG A 370 -16.19 -28.45 23.29
CA ARG A 370 -16.90 -27.30 23.85
C ARG A 370 -17.99 -26.83 22.91
N ILE A 371 -17.72 -26.86 21.61
CA ILE A 371 -18.71 -26.45 20.64
C ILE A 371 -19.90 -27.40 20.75
N ARG A 372 -19.61 -28.65 21.08
CA ARG A 372 -20.65 -29.66 21.22
C ARG A 372 -21.50 -29.39 22.48
N GLU A 373 -20.84 -29.03 23.57
CA GLU A 373 -21.51 -28.74 24.84
C GLU A 373 -22.32 -27.45 24.81
N ALA A 374 -21.82 -26.46 24.06
CA ALA A 374 -22.50 -25.17 23.94
C ALA A 374 -23.75 -25.27 23.06
N LEU A 375 -23.95 -26.45 22.47
CA LEU A 375 -25.10 -26.67 21.58
C LEU A 375 -26.07 -27.75 22.09
N SER B 8 4.06 10.19 -19.09
CA SER B 8 5.01 11.12 -18.45
C SER B 8 5.81 11.95 -19.43
N VAL B 9 6.80 12.63 -18.88
CA VAL B 9 7.72 13.49 -19.62
C VAL B 9 9.06 13.01 -19.12
N PHE B 10 9.01 12.36 -17.96
CA PHE B 10 10.20 11.80 -17.32
C PHE B 10 10.42 10.46 -18.00
N LEU B 11 9.37 9.94 -18.61
CA LEU B 11 9.47 8.66 -19.33
C LEU B 11 10.46 8.96 -20.45
N VAL B 12 10.12 9.95 -21.26
CA VAL B 12 10.97 10.38 -22.35
C VAL B 12 12.40 10.49 -21.83
N VAL B 13 12.72 11.62 -21.21
CA VAL B 13 14.04 11.89 -20.65
C VAL B 13 14.71 10.65 -20.05
N ASP B 14 13.93 9.79 -19.41
CA ASP B 14 14.47 8.59 -18.79
C ASP B 14 15.07 7.74 -19.92
N GLU B 15 14.24 7.49 -20.94
CA GLU B 15 14.64 6.72 -22.10
C GLU B 15 15.84 7.42 -22.74
N ALA B 16 15.64 8.69 -23.12
CA ALA B 16 16.68 9.49 -23.77
C ALA B 16 17.94 9.64 -22.96
N LYS B 17 17.98 8.99 -21.79
CA LYS B 17 19.14 9.04 -20.91
C LYS B 17 19.78 7.66 -20.93
N ARG B 18 18.91 6.65 -20.93
CA ARG B 18 19.36 5.27 -20.96
C ARG B 18 19.90 4.99 -22.36
N LYS B 19 19.55 5.88 -23.30
CA LYS B 19 20.01 5.79 -24.70
C LYS B 19 21.40 6.41 -24.76
N ALA B 20 21.49 7.65 -24.27
CA ALA B 20 22.76 8.36 -24.25
C ALA B 20 23.81 7.55 -23.47
N ARG B 21 23.36 6.86 -22.42
CA ARG B 21 24.26 6.03 -21.61
C ARG B 21 24.83 4.91 -22.50
N GLU B 22 23.93 4.12 -23.09
CA GLU B 22 24.32 3.02 -23.98
C GLU B 22 25.42 3.55 -24.90
N ARG B 23 25.10 4.62 -25.62
CA ARG B 23 26.01 5.27 -26.54
C ARG B 23 27.27 5.82 -25.85
N GLY B 24 27.46 5.45 -24.58
CA GLY B 24 28.63 5.85 -23.82
C GLY B 24 28.78 7.31 -23.36
N VAL B 25 27.77 8.14 -23.59
CA VAL B 25 27.85 9.54 -23.16
C VAL B 25 27.93 9.62 -21.64
N GLY B 26 28.98 10.24 -21.11
CA GLY B 26 29.11 10.37 -19.66
C GLY B 26 28.04 11.32 -19.16
N LEU B 27 27.00 10.79 -18.51
CA LEU B 27 25.91 11.63 -18.05
C LEU B 27 25.68 11.71 -16.53
N ILE B 28 25.77 12.92 -16.01
CA ILE B 28 25.55 13.18 -14.58
C ILE B 28 24.04 13.24 -14.37
N ASP B 29 23.49 12.22 -13.73
CA ASP B 29 22.04 12.19 -13.50
C ASP B 29 21.58 12.95 -12.25
N LEU B 30 20.89 14.05 -12.48
CA LEU B 30 20.36 14.90 -11.41
C LEU B 30 18.88 15.13 -11.68
N SER B 31 18.19 14.07 -12.09
CA SER B 31 16.78 14.17 -12.41
C SER B 31 15.92 13.39 -11.41
N ILE B 32 16.56 12.63 -10.54
CA ILE B 32 15.80 11.85 -9.55
C ILE B 32 16.29 12.16 -8.13
N GLY B 33 15.35 12.60 -7.29
CA GLY B 33 15.66 12.95 -5.91
C GLY B 33 15.96 11.78 -4.99
N SER B 34 16.84 10.89 -5.44
CA SER B 34 17.23 9.74 -4.63
C SER B 34 18.61 10.05 -4.07
N THR B 35 18.66 10.32 -2.77
CA THR B 35 19.93 10.68 -2.11
C THR B 35 21.07 9.70 -2.32
N ASP B 36 22.29 10.23 -2.21
CA ASP B 36 23.50 9.43 -2.31
C ASP B 36 24.00 9.17 -0.88
N LEU B 37 23.41 9.89 0.08
CA LEU B 37 23.80 9.77 1.48
C LEU B 37 23.24 8.52 2.15
N PRO B 38 24.05 7.88 3.01
CA PRO B 38 23.66 6.67 3.73
C PRO B 38 22.72 6.95 4.90
N PRO B 39 22.07 5.91 5.43
CA PRO B 39 21.15 6.04 6.55
C PRO B 39 21.92 5.72 7.82
N PRO B 40 21.41 6.12 8.99
CA PRO B 40 22.19 5.78 10.19
C PRO B 40 22.13 4.26 10.33
N GLU B 41 23.10 3.67 11.01
CA GLU B 41 23.14 2.22 11.18
C GLU B 41 22.15 1.59 12.15
N ALA B 42 21.97 2.23 13.30
CA ALA B 42 21.06 1.71 14.33
C ALA B 42 19.71 1.15 13.84
N PRO B 43 19.01 1.89 12.99
CA PRO B 43 17.71 1.37 12.51
C PRO B 43 17.88 0.08 11.69
N LEU B 44 18.97 -0.04 10.96
CA LEU B 44 19.21 -1.24 10.16
C LEU B 44 19.43 -2.42 11.08
N LYS B 45 20.22 -2.20 12.13
CA LYS B 45 20.52 -3.27 13.09
C LYS B 45 19.24 -3.73 13.80
N ALA B 46 18.32 -2.79 14.03
CA ALA B 46 17.06 -3.12 14.69
C ALA B 46 16.21 -4.00 13.79
N LEU B 47 16.15 -3.64 12.51
CA LEU B 47 15.38 -4.42 11.54
C LEU B 47 15.95 -5.84 11.48
N ALA B 48 17.28 -5.93 11.48
CA ALA B 48 17.97 -7.21 11.42
C ALA B 48 17.64 -8.09 12.62
N GLU B 49 17.74 -7.51 13.81
CA GLU B 49 17.44 -8.26 15.03
C GLU B 49 16.00 -8.76 14.99
N ALA B 50 15.12 -7.96 14.41
CA ALA B 50 13.72 -8.33 14.31
C ALA B 50 13.52 -9.64 13.53
N LEU B 51 14.33 -9.86 12.51
CA LEU B 51 14.21 -11.08 11.70
C LEU B 51 14.38 -12.33 12.54
N ASN B 52 15.09 -12.21 13.66
CA ASN B 52 15.32 -13.36 14.53
C ASN B 52 14.12 -13.67 15.42
N ASP B 53 13.17 -12.75 15.47
CA ASP B 53 11.99 -12.95 16.30
C ASP B 53 10.81 -13.39 15.47
N PRO B 54 10.37 -14.64 15.67
CA PRO B 54 9.24 -15.20 14.92
C PRO B 54 7.87 -14.60 15.20
N THR B 55 7.74 -13.86 16.30
CA THR B 55 6.45 -13.23 16.60
C THR B 55 6.19 -12.11 15.60
N THR B 56 7.22 -11.75 14.83
CA THR B 56 7.10 -10.68 13.86
C THR B 56 6.64 -11.14 12.48
N TYR B 57 6.56 -12.46 12.26
CA TYR B 57 6.20 -13.01 10.95
C TYR B 57 4.75 -12.83 10.48
N GLY B 58 3.85 -12.57 11.42
CA GLY B 58 2.46 -12.35 11.07
C GLY B 58 2.23 -10.88 10.78
N TYR B 59 0.99 -10.48 10.48
CA TYR B 59 0.70 -9.09 10.19
C TYR B 59 0.94 -8.21 11.41
N CYS B 60 1.51 -7.01 11.20
CA CYS B 60 1.74 -6.07 12.29
C CYS B 60 0.49 -5.21 12.28
N LEU B 61 -0.48 -5.55 13.13
CA LEU B 61 -1.71 -4.78 13.20
C LEU B 61 -1.56 -3.51 14.04
N LYS B 62 -2.65 -2.75 14.14
CA LYS B 62 -2.64 -1.48 14.87
C LYS B 62 -1.81 -1.47 16.16
N SER B 63 -2.19 -2.28 17.14
CA SER B 63 -1.46 -2.31 18.40
C SER B 63 0.02 -2.51 18.19
N CYS B 64 0.37 -3.35 17.21
CA CYS B 64 1.77 -3.63 16.88
C CYS B 64 2.50 -2.35 16.46
N THR B 65 1.76 -1.37 15.93
CA THR B 65 2.38 -0.12 15.54
C THR B 65 2.50 0.96 16.64
N LEU B 66 1.89 0.72 17.80
CA LEU B 66 1.90 1.73 18.89
C LEU B 66 3.27 2.27 19.26
N PRO B 67 4.21 1.39 19.64
CA PRO B 67 5.54 1.86 20.01
C PRO B 67 6.07 2.88 19.01
N PHE B 68 5.87 2.64 17.73
CA PHE B 68 6.33 3.56 16.70
C PHE B 68 5.54 4.87 16.75
N LEU B 69 4.22 4.77 16.84
CA LEU B 69 3.36 5.94 16.89
C LEU B 69 3.64 6.75 18.18
N GLU B 70 3.93 6.05 19.26
CA GLU B 70 4.25 6.71 20.52
C GLU B 70 5.50 7.54 20.32
N GLU B 71 6.53 6.91 19.77
CA GLU B 71 7.77 7.63 19.53
C GLU B 71 7.52 8.78 18.59
N ALA B 72 6.64 8.58 17.63
CA ALA B 72 6.33 9.63 16.66
C ALA B 72 5.68 10.82 17.38
N ALA B 73 4.77 10.51 18.30
CA ALA B 73 4.08 11.55 19.06
C ALA B 73 5.11 12.35 19.83
N ARG B 74 5.98 11.65 20.54
CA ARG B 74 7.03 12.32 21.31
C ARG B 74 7.91 13.17 20.40
N TRP B 75 8.18 12.67 19.19
CA TRP B 75 8.99 13.39 18.24
C TRP B 75 8.31 14.70 17.88
N TYR B 76 7.04 14.61 17.50
CA TYR B 76 6.29 15.79 17.13
C TYR B 76 6.22 16.82 18.25
N GLU B 77 5.85 16.36 19.45
CA GLU B 77 5.74 17.27 20.59
C GLU B 77 7.09 17.85 20.95
N GLY B 78 8.14 17.05 20.79
CA GLY B 78 9.49 17.47 21.07
C GLY B 78 10.00 18.64 20.24
N ARG B 79 9.30 19.01 19.17
CA ARG B 79 9.76 20.14 18.38
C ARG B 79 8.70 21.19 18.15
N TYR B 80 7.44 20.87 18.42
CA TYR B 80 6.39 21.85 18.25
C TYR B 80 5.62 22.13 19.53
N GLY B 81 5.95 21.43 20.60
CA GLY B 81 5.27 21.65 21.86
C GLY B 81 3.80 21.25 21.95
N VAL B 82 3.26 20.60 20.91
CA VAL B 82 1.86 20.19 20.93
C VAL B 82 1.77 18.67 21.09
N GLY B 83 1.01 18.24 22.11
CA GLY B 83 0.85 16.82 22.38
C GLY B 83 -0.19 16.15 21.50
N LEU B 84 0.05 14.88 21.22
CA LEU B 84 -0.86 14.10 20.38
C LEU B 84 -1.03 12.75 21.06
N ASP B 85 -2.24 12.22 21.00
CA ASP B 85 -2.52 10.93 21.59
C ASP B 85 -2.18 9.86 20.53
N PRO B 86 -1.13 9.07 20.78
CA PRO B 86 -0.70 8.03 19.84
C PRO B 86 -1.78 7.05 19.40
N ARG B 87 -2.77 6.81 20.25
CA ARG B 87 -3.84 5.87 19.92
C ARG B 87 -5.00 6.51 19.20
N ARG B 88 -4.92 7.81 18.92
CA ARG B 88 -6.03 8.49 18.24
C ARG B 88 -5.61 9.45 17.15
N GLU B 89 -4.50 10.14 17.38
CA GLU B 89 -4.05 11.14 16.42
C GLU B 89 -2.77 10.82 15.65
N ALA B 90 -2.49 9.53 15.49
CA ALA B 90 -1.31 9.06 14.77
C ALA B 90 -1.59 7.75 14.06
N LEU B 91 -1.14 7.61 12.81
CA LEU B 91 -1.33 6.37 12.07
C LEU B 91 -0.09 6.02 11.24
N ALA B 92 0.39 4.80 11.39
CA ALA B 92 1.56 4.33 10.63
C ALA B 92 1.20 4.29 9.15
N LEU B 93 2.13 4.75 8.31
CA LEU B 93 1.93 4.72 6.87
C LEU B 93 3.02 3.87 6.23
N ILE B 94 2.70 3.15 5.16
CA ILE B 94 3.69 2.33 4.45
C ILE B 94 4.30 3.29 3.43
N GLY B 95 4.93 4.35 3.96
CA GLY B 95 5.51 5.37 3.13
C GLY B 95 4.40 6.42 3.08
N SER B 96 4.75 7.69 3.00
CA SER B 96 3.73 8.72 2.99
C SER B 96 2.93 8.84 1.70
N GLN B 97 3.53 8.54 0.55
CA GLN B 97 2.79 8.63 -0.71
C GLN B 97 1.49 7.82 -0.63
N GLU B 98 1.57 6.71 0.08
CA GLU B 98 0.45 5.81 0.28
C GLU B 98 -0.63 6.51 1.16
N GLY B 99 -0.18 7.14 2.25
CA GLY B 99 -1.09 7.85 3.11
C GLY B 99 -1.81 8.96 2.36
N LEU B 100 -1.06 9.71 1.57
CA LEU B 100 -1.65 10.80 0.81
C LEU B 100 -2.79 10.33 -0.08
N ALA B 101 -2.50 9.41 -0.99
CA ALA B 101 -3.51 8.90 -1.91
C ALA B 101 -4.72 8.32 -1.19
N HIS B 102 -4.45 7.52 -0.17
CA HIS B 102 -5.52 6.89 0.58
C HIS B 102 -6.29 7.89 1.45
N LEU B 103 -5.62 8.93 1.92
CA LEU B 103 -6.26 9.96 2.73
C LEU B 103 -7.25 10.69 1.83
N LEU B 104 -6.88 10.90 0.57
CA LEU B 104 -7.78 11.58 -0.35
C LEU B 104 -9.05 10.78 -0.59
N LEU B 105 -8.93 9.46 -0.68
CA LEU B 105 -10.09 8.62 -0.89
C LEU B 105 -10.94 8.63 0.37
N ALA B 106 -10.27 8.53 1.51
CA ALA B 106 -10.94 8.51 2.80
C ALA B 106 -11.79 9.75 3.10
N LEU B 107 -11.28 10.93 2.75
CA LEU B 107 -11.99 12.19 3.04
C LEU B 107 -12.88 12.78 1.97
N THR B 108 -13.07 12.06 0.87
CA THR B 108 -13.89 12.60 -0.21
C THR B 108 -14.82 11.62 -0.87
N GLU B 109 -15.56 12.15 -1.84
CA GLU B 109 -16.51 11.40 -2.64
C GLU B 109 -16.19 11.83 -4.05
N PRO B 110 -16.43 10.95 -5.04
CA PRO B 110 -16.16 11.29 -6.43
C PRO B 110 -16.78 12.62 -6.85
N GLU B 111 -15.97 13.45 -7.51
CA GLU B 111 -16.36 14.76 -8.01
C GLU B 111 -16.20 15.91 -7.03
N ASP B 112 -15.76 15.61 -5.81
CA ASP B 112 -15.50 16.65 -4.81
C ASP B 112 -14.34 17.45 -5.36
N LEU B 113 -14.21 18.71 -4.96
CA LEU B 113 -13.12 19.55 -5.47
C LEU B 113 -11.92 19.61 -4.54
N LEU B 114 -10.73 19.43 -5.13
CA LEU B 114 -9.48 19.48 -4.39
C LEU B 114 -8.70 20.70 -4.84
N LEU B 115 -8.00 21.32 -3.90
CA LEU B 115 -7.20 22.49 -4.21
C LEU B 115 -5.76 22.15 -4.00
N LEU B 116 -4.94 22.38 -5.04
CA LEU B 116 -3.51 22.14 -4.95
C LEU B 116 -2.77 23.06 -5.93
N PRO B 117 -1.48 23.33 -5.67
CA PRO B 117 -0.64 24.19 -6.52
C PRO B 117 -0.52 23.72 -7.97
N GLU B 118 -0.30 24.67 -8.88
CA GLU B 118 -0.15 24.36 -10.31
C GLU B 118 1.21 23.73 -10.58
N VAL B 119 2.02 23.65 -9.54
CA VAL B 119 3.34 23.02 -9.57
C VAL B 119 3.37 22.19 -8.30
N ALA B 120 3.49 20.88 -8.45
CA ALA B 120 3.49 20.01 -7.29
C ALA B 120 4.10 18.66 -7.60
N TYR B 121 4.26 17.85 -6.56
CA TYR B 121 4.78 16.51 -6.70
C TYR B 121 3.82 15.81 -7.68
N PRO B 122 4.35 15.32 -8.81
CA PRO B 122 3.58 14.63 -9.85
C PRO B 122 2.44 13.71 -9.39
N SER B 123 2.73 12.82 -8.45
CA SER B 123 1.69 11.91 -8.01
C SER B 123 0.50 12.57 -7.29
N TYR B 124 0.61 13.83 -6.92
CA TYR B 124 -0.53 14.50 -6.28
C TYR B 124 -1.67 14.50 -7.28
N PHE B 125 -1.39 14.99 -8.49
CA PHE B 125 -2.40 15.04 -9.54
C PHE B 125 -2.93 13.62 -9.78
N GLY B 126 -2.03 12.64 -9.73
CA GLY B 126 -2.43 11.26 -9.93
C GLY B 126 -3.39 10.80 -8.85
N ALA B 127 -2.98 10.97 -7.60
CA ALA B 127 -3.82 10.57 -6.47
C ALA B 127 -5.20 11.21 -6.61
N ALA B 128 -5.20 12.44 -7.13
CA ALA B 128 -6.44 13.17 -7.35
C ALA B 128 -7.32 12.44 -8.37
N ARG B 129 -6.71 11.99 -9.47
CA ARG B 129 -7.48 11.26 -10.49
C ARG B 129 -7.95 9.91 -9.94
N VAL B 130 -7.13 9.27 -9.11
CA VAL B 130 -7.49 7.98 -8.55
C VAL B 130 -8.75 8.09 -7.68
N ALA B 131 -8.90 9.22 -7.00
CA ALA B 131 -10.05 9.42 -6.14
C ALA B 131 -11.20 10.06 -6.92
N SER B 132 -11.04 10.15 -8.24
CA SER B 132 -12.05 10.75 -9.12
C SER B 132 -12.39 12.16 -8.67
N LEU B 133 -11.39 12.96 -8.34
CA LEU B 133 -11.64 14.31 -7.87
C LEU B 133 -11.43 15.40 -8.90
N ARG B 134 -12.23 16.44 -8.80
CA ARG B 134 -12.07 17.59 -9.69
C ARG B 134 -10.96 18.37 -9.00
N THR B 135 -10.24 19.19 -9.74
CA THR B 135 -9.17 19.95 -9.14
C THR B 135 -9.13 21.38 -9.61
N PHE B 136 -8.51 22.23 -8.80
CA PHE B 136 -8.33 23.63 -9.13
C PHE B 136 -6.87 23.82 -8.79
N LEU B 137 -6.10 24.29 -9.76
CA LEU B 137 -4.68 24.47 -9.52
C LEU B 137 -4.41 25.90 -9.11
N ILE B 138 -3.77 26.05 -7.96
CA ILE B 138 -3.47 27.37 -7.43
C ILE B 138 -2.18 27.95 -8.00
N PRO B 139 -2.27 29.13 -8.64
CA PRO B 139 -1.07 29.75 -9.22
C PRO B 139 -0.04 30.00 -8.11
N LEU B 140 1.22 30.08 -8.48
CA LEU B 140 2.26 30.32 -7.50
C LEU B 140 2.69 31.77 -7.41
N ARG B 141 3.10 32.18 -6.21
CA ARG B 141 3.58 33.53 -5.96
C ARG B 141 4.99 33.58 -6.53
N GLU B 142 5.54 34.78 -6.66
CA GLU B 142 6.89 34.94 -7.19
C GLU B 142 7.92 34.34 -6.25
N ASP B 143 7.53 34.12 -4.99
CA ASP B 143 8.46 33.57 -4.03
C ASP B 143 8.41 32.04 -3.95
N GLY B 144 7.60 31.43 -4.81
CA GLY B 144 7.54 29.98 -4.84
C GLY B 144 6.45 29.27 -4.03
N LEU B 145 5.57 30.04 -3.40
CA LEU B 145 4.52 29.40 -2.62
C LEU B 145 3.23 29.59 -3.40
N ALA B 146 2.27 28.71 -3.16
CA ALA B 146 1.00 28.81 -3.83
C ALA B 146 0.34 30.12 -3.35
N ASP B 147 -0.16 30.92 -4.28
CA ASP B 147 -0.82 32.18 -3.96
C ASP B 147 -2.22 31.89 -3.46
N LEU B 148 -2.35 31.68 -2.16
CA LEU B 148 -3.65 31.39 -1.57
C LEU B 148 -4.70 32.46 -1.89
N LYS B 149 -4.26 33.68 -2.19
CA LYS B 149 -5.18 34.74 -2.52
C LYS B 149 -5.65 34.71 -3.97
N ALA B 150 -5.08 33.79 -4.75
CA ALA B 150 -5.44 33.67 -6.16
C ALA B 150 -6.64 32.75 -6.35
N VAL B 151 -7.16 32.22 -5.25
CA VAL B 151 -8.33 31.35 -5.31
C VAL B 151 -9.60 32.16 -5.21
N PRO B 152 -10.47 32.08 -6.23
CA PRO B 152 -11.72 32.85 -6.17
C PRO B 152 -12.65 32.33 -5.08
N GLU B 153 -13.52 33.23 -4.60
CA GLU B 153 -14.48 32.92 -3.56
C GLU B 153 -15.33 31.71 -3.87
N GLY B 154 -15.76 31.61 -5.12
CA GLY B 154 -16.59 30.49 -5.53
C GLY B 154 -15.90 29.14 -5.36
N VAL B 155 -14.60 29.11 -5.63
CA VAL B 155 -13.82 27.88 -5.51
C VAL B 155 -13.68 27.43 -4.06
N TRP B 156 -13.43 28.39 -3.16
CA TRP B 156 -13.30 28.09 -1.74
C TRP B 156 -14.58 27.45 -1.23
N ARG B 157 -15.71 27.97 -1.69
CA ARG B 157 -17.01 27.46 -1.25
C ARG B 157 -17.23 26.05 -1.78
N GLU B 158 -16.70 25.77 -2.96
CA GLU B 158 -16.83 24.45 -3.58
C GLU B 158 -15.83 23.44 -3.00
N ALA B 159 -14.60 23.90 -2.75
CA ALA B 159 -13.54 23.05 -2.23
C ALA B 159 -13.93 22.19 -1.04
N LYS B 160 -13.24 21.06 -0.89
CA LYS B 160 -13.47 20.15 0.21
C LYS B 160 -12.13 19.81 0.86
N VAL B 161 -11.06 19.94 0.08
CA VAL B 161 -9.72 19.66 0.57
C VAL B 161 -8.69 20.61 -0.02
N LEU B 162 -7.69 20.95 0.80
CA LEU B 162 -6.59 21.82 0.41
C LEU B 162 -5.31 21.04 0.69
N LEU B 163 -4.49 20.84 -0.34
CA LEU B 163 -3.26 20.08 -0.21
C LEU B 163 -2.06 20.99 -0.42
N LEU B 164 -1.10 20.94 0.50
CA LEU B 164 0.10 21.76 0.40
C LEU B 164 1.33 20.98 0.84
N ASN B 165 2.51 21.51 0.52
CA ASN B 165 3.76 20.83 0.85
C ASN B 165 4.96 21.78 0.90
N TYR B 166 5.42 22.08 2.10
CA TYR B 166 6.56 22.97 2.30
C TYR B 166 7.30 22.51 3.53
N PRO B 167 8.63 22.40 3.45
CA PRO B 167 9.46 22.66 2.26
C PRO B 167 8.90 21.94 1.03
N ASN B 168 8.96 22.61 -0.11
CA ASN B 168 8.37 22.10 -1.34
C ASN B 168 9.22 21.35 -2.39
N ASN B 169 8.54 20.49 -3.13
CA ASN B 169 9.12 19.73 -4.23
C ASN B 169 8.20 20.16 -5.37
N PRO B 170 8.75 20.63 -6.50
CA PRO B 170 10.13 20.83 -6.93
C PRO B 170 10.78 22.18 -6.61
N THR B 171 9.98 23.18 -6.22
CA THR B 171 10.54 24.50 -5.93
C THR B 171 11.56 24.58 -4.82
N GLY B 172 11.48 23.67 -3.85
CA GLY B 172 12.41 23.75 -2.75
C GLY B 172 12.08 24.98 -1.91
N ALA B 173 10.89 25.53 -2.12
CA ALA B 173 10.44 26.72 -1.40
C ALA B 173 10.09 26.45 0.07
N VAL B 174 10.36 27.44 0.92
CA VAL B 174 10.08 27.33 2.35
C VAL B 174 8.91 28.22 2.72
N ALA B 175 8.05 27.74 3.59
CA ALA B 175 6.91 28.55 4.03
C ALA B 175 7.18 29.02 5.46
N ASP B 176 6.75 30.23 5.77
CA ASP B 176 6.91 30.76 7.13
C ASP B 176 5.63 30.43 7.91
N TRP B 177 5.68 30.58 9.23
CA TRP B 177 4.50 30.31 10.06
C TRP B 177 3.32 31.12 9.54
N GLY B 178 3.62 32.34 9.08
CA GLY B 178 2.58 33.20 8.56
C GLY B 178 1.81 32.60 7.41
N TYR B 179 2.50 31.88 6.52
CA TYR B 179 1.85 31.26 5.37
C TYR B 179 0.87 30.20 5.86
N PHE B 180 1.32 29.39 6.80
CA PHE B 180 0.50 28.32 7.34
C PHE B 180 -0.70 28.85 8.12
N GLU B 181 -0.53 29.98 8.79
CA GLU B 181 -1.64 30.57 9.54
C GLU B 181 -2.69 30.98 8.53
N GLU B 182 -2.24 31.52 7.39
CA GLU B 182 -3.18 31.94 6.35
C GLU B 182 -3.94 30.72 5.80
N ALA B 183 -3.20 29.65 5.53
CA ALA B 183 -3.81 28.44 4.99
C ALA B 183 -4.82 27.84 5.95
N LEU B 184 -4.44 27.69 7.21
CA LEU B 184 -5.35 27.12 8.21
C LEU B 184 -6.60 28.00 8.32
N GLY B 185 -6.39 29.30 8.39
CA GLY B 185 -7.49 30.24 8.50
C GLY B 185 -8.50 30.08 7.39
N LEU B 186 -8.03 30.01 6.16
CA LEU B 186 -8.92 29.84 5.01
C LEU B 186 -9.59 28.48 5.10
N ALA B 187 -8.85 27.48 5.57
CA ALA B 187 -9.40 26.14 5.70
C ALA B 187 -10.54 26.11 6.71
N ARG B 188 -10.33 26.78 7.85
CA ARG B 188 -11.33 26.83 8.90
C ARG B 188 -12.52 27.62 8.39
N LYS B 189 -12.22 28.75 7.77
CA LYS B 189 -13.24 29.63 7.23
C LYS B 189 -14.14 28.97 6.20
N HIS B 190 -13.60 28.05 5.42
CA HIS B 190 -14.42 27.42 4.41
C HIS B 190 -14.76 25.96 4.64
N GLY B 191 -14.46 25.46 5.84
CA GLY B 191 -14.78 24.08 6.15
C GLY B 191 -14.10 23.06 5.25
N LEU B 192 -12.78 23.19 5.14
CA LEU B 192 -11.97 22.29 4.34
C LEU B 192 -11.05 21.45 5.21
N TRP B 193 -10.63 20.31 4.67
CA TRP B 193 -9.65 19.47 5.36
C TRP B 193 -8.35 20.06 4.84
N LEU B 194 -7.31 20.09 5.66
CA LEU B 194 -6.02 20.61 5.22
C LEU B 194 -4.99 19.52 5.34
N ILE B 195 -4.50 19.03 4.21
CA ILE B 195 -3.47 17.99 4.21
C ILE B 195 -2.12 18.63 3.94
N HIS B 196 -1.20 18.49 4.88
CA HIS B 196 0.12 19.03 4.65
C HIS B 196 1.13 17.89 4.59
N ASP B 197 1.73 17.74 3.41
CA ASP B 197 2.72 16.69 3.18
C ASP B 197 4.04 17.30 3.59
N ASN B 198 4.69 16.72 4.59
CA ASN B 198 5.93 17.29 5.07
C ASN B 198 7.10 16.31 5.12
N PRO B 199 7.49 15.78 3.95
CA PRO B 199 8.61 14.83 3.90
C PRO B 199 9.99 15.47 4.08
N TYR B 200 10.11 16.75 3.74
CA TYR B 200 11.40 17.44 3.86
C TYR B 200 11.52 18.32 5.12
N VAL B 201 10.74 17.98 6.15
CA VAL B 201 10.75 18.71 7.42
C VAL B 201 12.17 18.88 7.98
N ASP B 202 13.00 17.85 7.83
CA ASP B 202 14.36 17.91 8.33
C ASP B 202 15.40 18.42 7.37
N GLN B 203 14.96 19.00 6.26
CA GLN B 203 15.91 19.47 5.26
C GLN B 203 15.97 20.97 5.03
N VAL B 204 15.70 21.74 6.08
CA VAL B 204 15.76 23.19 5.99
C VAL B 204 17.23 23.53 6.24
N TYR B 205 17.71 24.53 5.53
CA TYR B 205 19.11 24.93 5.67
C TYR B 205 19.36 25.73 6.94
N GLU B 206 18.48 26.69 7.24
CA GLU B 206 18.60 27.53 8.42
C GLU B 206 17.29 27.64 9.20
N GLY B 207 17.26 27.04 10.40
CA GLY B 207 16.07 27.12 11.22
C GLY B 207 15.20 25.87 11.26
N GLU B 208 13.95 26.08 11.63
CA GLU B 208 13.00 24.99 11.73
C GLU B 208 11.89 25.13 10.73
N ALA B 209 11.30 24.00 10.37
CA ALA B 209 10.21 23.98 9.44
C ALA B 209 8.89 24.12 10.20
N PRO B 210 8.11 25.16 9.88
CA PRO B 210 6.84 25.33 10.59
C PRO B 210 5.96 24.11 10.31
N SER B 211 4.94 23.94 11.15
CA SER B 211 3.99 22.84 11.00
C SER B 211 2.57 23.39 11.20
N PRO B 212 1.73 23.28 10.17
CA PRO B 212 0.36 23.80 10.31
C PRO B 212 -0.44 23.06 11.37
N LEU B 213 0.07 21.92 11.81
CA LEU B 213 -0.60 21.13 12.83
C LEU B 213 -0.25 21.67 14.21
N ALA B 214 0.75 22.55 14.28
CA ALA B 214 1.17 23.11 15.56
C ALA B 214 0.40 24.37 15.93
N LEU B 215 -0.49 24.81 15.04
CA LEU B 215 -1.27 26.01 15.26
C LEU B 215 -2.56 25.74 16.04
N PRO B 216 -3.09 26.78 16.73
CA PRO B 216 -4.32 26.69 17.53
C PRO B 216 -5.52 26.16 16.78
N GLY B 217 -6.10 25.07 17.28
CA GLY B 217 -7.26 24.47 16.65
C GLY B 217 -7.03 23.62 15.41
N ALA B 218 -5.76 23.39 15.06
CA ALA B 218 -5.40 22.61 13.88
C ALA B 218 -6.02 21.21 13.87
N LYS B 219 -6.08 20.59 15.03
CA LYS B 219 -6.62 19.24 15.17
C LYS B 219 -8.05 19.05 14.67
N GLU B 220 -8.68 20.13 14.22
CA GLU B 220 -10.03 20.03 13.70
C GLU B 220 -10.07 19.62 12.23
N ARG B 221 -9.05 20.01 11.48
CA ARG B 221 -9.05 19.77 10.02
C ARG B 221 -7.66 19.54 9.41
N VAL B 222 -6.65 19.35 10.24
CA VAL B 222 -5.31 19.16 9.72
C VAL B 222 -4.68 17.79 9.93
N VAL B 223 -4.17 17.23 8.85
CA VAL B 223 -3.45 15.96 8.88
C VAL B 223 -2.12 16.26 8.22
N GLU B 224 -1.03 15.95 8.91
CA GLU B 224 0.28 16.19 8.35
C GLU B 224 0.99 14.85 8.12
N LEU B 225 1.51 14.71 6.90
CA LEU B 225 2.22 13.50 6.49
C LEU B 225 3.73 13.58 6.66
N PHE B 226 4.29 12.62 7.40
CA PHE B 226 5.72 12.56 7.61
C PHE B 226 6.27 11.23 7.10
N SER B 227 7.58 11.18 6.84
CA SER B 227 8.20 9.97 6.33
C SER B 227 9.63 9.74 6.80
N LEU B 228 10.05 8.47 6.83
CA LEU B 228 11.42 8.15 7.24
C LEU B 228 12.37 8.25 6.04
N SER B 229 11.80 8.32 4.84
CA SER B 229 12.58 8.35 3.61
C SER B 229 13.66 9.43 3.52
N LYS B 230 13.25 10.69 3.56
CA LYS B 230 14.19 11.81 3.46
C LYS B 230 15.02 12.10 4.71
N SER B 231 14.34 12.14 5.87
CA SER B 231 15.02 12.43 7.13
C SER B 231 16.09 11.42 7.49
N TYR B 232 15.87 10.16 7.16
CA TYR B 232 16.86 9.15 7.53
C TYR B 232 17.42 8.30 6.39
N ASN B 233 17.13 8.70 5.15
CA ASN B 233 17.62 7.97 3.99
C ASN B 233 17.26 6.48 4.07
N LEU B 234 16.00 6.20 4.36
CA LEU B 234 15.50 4.84 4.47
C LEU B 234 14.27 4.71 3.58
N ALA B 235 14.29 5.42 2.46
CA ALA B 235 13.19 5.43 1.51
C ALA B 235 12.70 4.07 1.07
N GLY B 236 13.63 3.13 0.89
CA GLY B 236 13.25 1.80 0.44
C GLY B 236 12.50 0.98 1.46
N PHE B 237 12.62 1.33 2.73
CA PHE B 237 11.94 0.56 3.77
C PHE B 237 10.46 0.85 3.91
N ARG B 238 9.99 1.85 3.19
CA ARG B 238 8.57 2.20 3.17
C ARG B 238 7.87 2.38 4.53
N LEU B 239 8.23 3.43 5.24
CA LEU B 239 7.59 3.73 6.52
C LEU B 239 7.41 5.22 6.69
N GLY B 240 6.20 5.59 7.10
CA GLY B 240 5.88 6.99 7.35
C GLY B 240 4.85 7.09 8.46
N PHE B 241 4.37 8.30 8.72
CA PHE B 241 3.35 8.48 9.75
C PHE B 241 2.52 9.74 9.57
N ALA B 242 1.21 9.55 9.74
CA ALA B 242 0.24 10.63 9.64
C ALA B 242 -0.15 11.07 11.05
N LEU B 243 -0.08 12.38 11.29
CA LEU B 243 -0.43 12.94 12.59
C LEU B 243 -1.52 13.98 12.40
N GLY B 244 -2.39 14.12 13.41
CA GLY B 244 -3.44 15.12 13.30
C GLY B 244 -4.86 14.72 13.68
N SER B 245 -5.80 15.48 13.11
CA SER B 245 -7.23 15.29 13.35
C SER B 245 -7.64 13.85 13.45
N GLU B 246 -8.07 13.47 14.65
CA GLU B 246 -8.51 12.13 14.92
C GLU B 246 -9.65 11.72 13.99
N GLU B 247 -10.51 12.68 13.65
CA GLU B 247 -11.62 12.40 12.78
C GLU B 247 -11.08 11.99 11.39
N ALA B 248 -10.19 12.79 10.83
CA ALA B 248 -9.60 12.48 9.52
C ALA B 248 -8.88 11.14 9.56
N LEU B 249 -8.03 10.94 10.55
CA LEU B 249 -7.28 9.72 10.66
C LEU B 249 -8.13 8.46 10.77
N ALA B 250 -9.24 8.53 11.49
CA ALA B 250 -10.10 7.36 11.63
C ALA B 250 -10.61 6.93 10.26
N ARG B 251 -10.85 7.89 9.38
CA ARG B 251 -11.33 7.57 8.05
C ARG B 251 -10.21 7.00 7.19
N LEU B 252 -8.99 7.46 7.44
CA LEU B 252 -7.83 6.98 6.71
C LEU B 252 -7.61 5.54 7.13
N GLU B 253 -7.70 5.29 8.43
CA GLU B 253 -7.49 3.96 9.01
C GLU B 253 -8.52 2.97 8.48
N ARG B 254 -9.73 3.45 8.25
CA ARG B 254 -10.77 2.58 7.74
C ARG B 254 -10.41 2.15 6.33
N VAL B 255 -10.00 3.11 5.50
CA VAL B 255 -9.62 2.83 4.12
C VAL B 255 -8.41 1.89 4.04
N LYS B 256 -7.33 2.24 4.75
CA LYS B 256 -6.13 1.41 4.73
C LYS B 256 -6.43 0.05 5.34
N GLY B 257 -7.54 -0.05 6.05
CA GLY B 257 -7.91 -1.30 6.68
C GLY B 257 -8.37 -2.36 5.69
N VAL B 258 -9.01 -1.93 4.60
CA VAL B 258 -9.48 -2.91 3.63
C VAL B 258 -8.48 -3.02 2.48
N ILE B 259 -7.37 -2.30 2.60
CA ILE B 259 -6.36 -2.29 1.56
C ILE B 259 -5.03 -2.92 1.96
N ASP B 260 -4.57 -2.64 3.17
CA ASP B 260 -3.29 -3.17 3.62
C ASP B 260 -3.29 -3.70 5.05
N PHE B 261 -2.12 -4.12 5.53
CA PHE B 261 -1.95 -4.63 6.88
C PHE B 261 -0.69 -3.99 7.47
N ASN B 262 -0.39 -2.78 7.00
CA ASN B 262 0.79 -2.05 7.47
C ASN B 262 2.07 -2.71 6.97
N GLN B 263 3.20 -2.18 7.42
CA GLN B 263 4.51 -2.68 7.03
C GLN B 263 4.95 -3.76 8.00
N TYR B 264 6.02 -4.45 7.67
CA TYR B 264 6.59 -5.51 8.50
C TYR B 264 6.98 -4.96 9.87
N ALA B 265 6.63 -5.70 10.93
CA ALA B 265 6.93 -5.31 12.31
C ALA B 265 8.39 -4.89 12.46
N GLY B 266 9.28 -5.64 11.82
CA GLY B 266 10.69 -5.33 11.89
C GLY B 266 10.98 -3.90 11.46
N VAL B 267 10.27 -3.44 10.44
CA VAL B 267 10.45 -2.08 9.94
C VAL B 267 9.90 -1.05 10.93
N LEU B 268 8.83 -1.41 11.64
CA LEU B 268 8.27 -0.48 12.61
C LEU B 268 9.30 -0.24 13.72
N ARG B 269 9.98 -1.31 14.12
CA ARG B 269 11.01 -1.21 15.14
C ARG B 269 12.16 -0.33 14.64
N MET B 270 12.46 -0.47 13.35
CA MET B 270 13.52 0.32 12.74
C MET B 270 13.02 1.77 12.76
N GLY B 271 11.72 1.93 12.62
CA GLY B 271 11.12 3.25 12.64
C GLY B 271 11.36 3.90 13.99
N VAL B 272 11.23 3.12 15.05
CA VAL B 272 11.44 3.62 16.40
C VAL B 272 12.88 4.11 16.57
N GLU B 273 13.86 3.28 16.18
CA GLU B 273 15.24 3.69 16.30
C GLU B 273 15.51 4.92 15.46
N ALA B 274 14.90 4.95 14.28
CA ALA B 274 15.09 6.07 13.36
C ALA B 274 14.75 7.41 14.00
N LEU B 275 13.61 7.46 14.69
CA LEU B 275 13.19 8.70 15.35
C LEU B 275 14.15 9.13 16.48
N LYS B 276 14.89 8.18 17.04
CA LYS B 276 15.85 8.45 18.11
C LYS B 276 17.23 8.78 17.57
N THR B 277 17.34 8.96 16.26
CA THR B 277 18.63 9.28 15.64
C THR B 277 19.14 10.65 16.13
N PRO B 278 20.38 10.70 16.62
CA PRO B 278 20.95 11.96 17.10
C PRO B 278 20.66 13.09 16.13
N LYS B 279 20.17 14.21 16.67
CA LYS B 279 19.83 15.37 15.84
C LYS B 279 21.01 15.86 15.00
N GLU B 280 22.23 15.67 15.51
CA GLU B 280 23.43 16.11 14.80
C GLU B 280 23.51 15.40 13.45
N VAL B 281 23.17 14.11 13.44
CA VAL B 281 23.22 13.31 12.23
C VAL B 281 22.20 13.82 11.21
N VAL B 282 20.97 13.99 11.65
CA VAL B 282 19.92 14.48 10.77
C VAL B 282 20.32 15.84 10.23
N ARG B 283 20.94 16.65 11.09
CA ARG B 283 21.37 17.98 10.66
C ARG B 283 22.49 17.91 9.64
N GLY B 284 23.36 16.91 9.77
CA GLY B 284 24.45 16.74 8.83
C GLY B 284 23.93 16.62 7.40
N TYR B 285 22.98 15.72 7.20
CA TYR B 285 22.41 15.51 5.87
C TYR B 285 21.99 16.85 5.28
N ALA B 286 21.25 17.63 6.07
CA ALA B 286 20.76 18.93 5.59
C ALA B 286 21.91 19.87 5.26
N ARG B 287 22.99 19.79 6.02
CA ARG B 287 24.16 20.64 5.80
C ARG B 287 24.75 20.33 4.43
N VAL B 288 24.78 19.05 4.07
CA VAL B 288 25.30 18.60 2.78
C VAL B 288 24.49 19.27 1.68
N TYR B 289 23.17 19.20 1.75
CA TYR B 289 22.36 19.82 0.73
C TYR B 289 22.54 21.32 0.70
N ARG B 290 22.78 21.92 1.87
CA ARG B 290 22.99 23.36 1.94
C ARG B 290 24.22 23.71 1.11
N GLU B 291 25.31 22.97 1.36
CA GLU B 291 26.58 23.19 0.64
C GLU B 291 26.39 22.98 -0.87
N ARG B 292 25.70 21.90 -1.25
CA ARG B 292 25.48 21.61 -2.66
C ARG B 292 24.61 22.68 -3.29
N ALA B 293 23.48 22.97 -2.67
CA ALA B 293 22.58 23.98 -3.21
C ALA B 293 23.27 25.29 -3.49
N LEU B 294 24.00 25.79 -2.50
CA LEU B 294 24.69 27.06 -2.63
C LEU B 294 25.85 27.07 -3.62
N GLY B 295 26.67 26.01 -3.60
CA GLY B 295 27.79 25.95 -4.51
C GLY B 295 27.33 26.00 -5.95
N MET B 296 26.43 25.09 -6.30
CA MET B 296 25.90 25.01 -7.65
C MET B 296 25.05 26.19 -8.08
N ALA B 297 24.43 26.87 -7.12
CA ALA B 297 23.59 28.00 -7.49
C ALA B 297 24.46 29.16 -7.98
N GLU B 298 25.60 29.35 -7.34
CA GLU B 298 26.50 30.44 -7.73
C GLU B 298 27.05 30.17 -9.14
N ALA B 299 27.23 28.89 -9.45
CA ALA B 299 27.73 28.48 -10.77
C ALA B 299 26.65 28.56 -11.85
N LEU B 300 25.40 28.79 -11.45
CA LEU B 300 24.30 28.87 -12.40
C LEU B 300 23.77 30.27 -12.56
N LYS B 301 24.22 31.18 -11.72
CA LYS B 301 23.76 32.55 -11.84
C LYS B 301 24.02 32.95 -13.27
N GLY B 302 23.14 33.74 -13.87
CA GLY B 302 23.36 34.16 -15.24
C GLY B 302 22.91 33.12 -16.26
N VAL B 303 22.66 31.89 -15.79
CA VAL B 303 22.22 30.81 -16.66
C VAL B 303 20.75 30.54 -16.35
N LEU B 304 20.48 30.26 -15.08
CA LEU B 304 19.12 29.98 -14.62
C LEU B 304 18.71 31.01 -13.58
N SER B 305 17.43 31.36 -13.57
CA SER B 305 16.92 32.32 -12.60
C SER B 305 16.46 31.52 -11.39
N LEU B 306 17.33 31.44 -10.39
CA LEU B 306 17.03 30.67 -9.18
C LEU B 306 16.56 31.50 -7.99
N LEU B 307 15.62 30.94 -7.23
CA LEU B 307 15.10 31.58 -6.01
C LEU B 307 16.20 31.22 -5.01
N PRO B 308 16.36 32.01 -3.93
CA PRO B 308 17.41 31.66 -2.97
C PRO B 308 17.18 30.30 -2.34
N PRO B 309 18.23 29.48 -2.26
CA PRO B 309 18.20 28.14 -1.68
C PRO B 309 18.04 28.22 -0.18
N ARG B 310 17.02 27.54 0.35
CA ARG B 310 16.75 27.55 1.79
C ARG B 310 16.44 26.16 2.32
N ALA B 311 16.05 25.25 1.44
CA ALA B 311 15.71 23.89 1.88
C ALA B 311 15.61 22.87 0.74
N THR B 312 15.58 21.60 1.12
CA THR B 312 15.45 20.44 0.22
C THR B 312 16.66 20.09 -0.65
N MET B 313 16.50 18.99 -1.39
CA MET B 313 17.52 18.47 -2.31
C MET B 313 17.28 19.01 -3.70
N TYR B 314 16.41 20.00 -3.82
CA TYR B 314 16.10 20.51 -5.14
C TYR B 314 16.43 21.97 -5.36
N LEU B 315 16.73 22.28 -6.61
CA LEU B 315 17.02 23.63 -7.06
C LEU B 315 15.96 23.81 -8.14
N TRP B 316 15.30 24.96 -8.16
CA TRP B 316 14.26 25.21 -9.15
C TRP B 316 14.70 26.42 -9.96
N GLY B 317 14.95 26.22 -11.26
CA GLY B 317 15.42 27.32 -12.09
C GLY B 317 14.65 27.64 -13.34
N ARG B 318 14.43 28.93 -13.57
CA ARG B 318 13.70 29.40 -14.73
C ARG B 318 14.63 29.57 -15.95
N LEU B 319 14.28 28.89 -17.03
CA LEU B 319 15.08 28.94 -18.27
C LEU B 319 15.00 30.29 -18.97
N PRO B 320 16.03 30.62 -19.76
CA PRO B 320 16.07 31.88 -20.49
C PRO B 320 14.82 32.03 -21.36
N GLU B 321 14.38 33.27 -21.58
CA GLU B 321 13.20 33.52 -22.39
C GLU B 321 13.22 32.68 -23.66
N GLY B 322 12.08 32.09 -23.99
CA GLY B 322 11.99 31.26 -25.18
C GLY B 322 12.24 29.80 -24.89
N VAL B 323 13.47 29.49 -24.46
CA VAL B 323 13.86 28.11 -24.17
C VAL B 323 12.69 27.25 -23.67
N ASP B 324 12.56 26.05 -24.23
CA ASP B 324 11.50 25.10 -23.84
C ASP B 324 12.17 24.06 -22.95
N ASP B 325 11.58 23.81 -21.77
CA ASP B 325 12.18 22.86 -20.83
C ASP B 325 12.28 21.41 -21.29
N LEU B 326 11.31 20.94 -22.06
CA LEU B 326 11.39 19.55 -22.52
C LEU B 326 12.51 19.44 -23.55
N GLU B 327 12.48 20.31 -24.55
CA GLU B 327 13.49 20.31 -25.60
C GLU B 327 14.87 20.44 -24.94
N PHE B 328 15.02 21.46 -24.12
CA PHE B 328 16.29 21.71 -23.44
C PHE B 328 16.74 20.49 -22.63
N GLY B 329 15.82 19.93 -21.87
CA GLY B 329 16.18 18.78 -21.07
C GLY B 329 16.81 17.72 -21.96
N LEU B 330 16.14 17.45 -23.07
CA LEU B 330 16.61 16.46 -24.03
C LEU B 330 17.99 16.87 -24.55
N ARG B 331 18.10 18.09 -25.05
CA ARG B 331 19.36 18.60 -25.57
C ARG B 331 20.43 18.46 -24.49
N LEU B 332 20.07 18.77 -23.25
CA LEU B 332 21.02 18.70 -22.14
C LEU B 332 21.47 17.26 -21.87
N VAL B 333 20.56 16.31 -22.05
CA VAL B 333 20.94 14.91 -21.83
C VAL B 333 22.11 14.54 -22.74
N GLU B 334 21.96 14.81 -24.04
CA GLU B 334 23.00 14.50 -25.01
C GLU B 334 24.34 15.10 -24.58
N ARG B 335 24.28 16.15 -23.78
CA ARG B 335 25.47 16.82 -23.30
C ARG B 335 26.03 16.29 -21.98
N GLY B 336 25.44 15.21 -21.44
CA GLY B 336 25.96 14.65 -20.19
C GLY B 336 25.27 14.99 -18.86
N VAL B 337 24.12 15.68 -18.90
CA VAL B 337 23.40 16.00 -17.68
C VAL B 337 21.90 15.73 -17.79
N ALA B 338 21.37 14.97 -16.83
CA ALA B 338 19.95 14.67 -16.81
C ALA B 338 19.24 15.55 -15.77
N LEU B 339 18.19 16.24 -16.22
CA LEU B 339 17.39 17.11 -15.37
C LEU B 339 15.92 16.69 -15.49
N ALA B 340 15.06 17.20 -14.61
CA ALA B 340 13.64 16.89 -14.66
C ALA B 340 12.93 18.13 -15.19
N PRO B 341 12.28 18.01 -16.36
CA PRO B 341 11.58 19.17 -16.93
C PRO B 341 10.48 19.68 -16.00
N GLY B 342 10.54 20.97 -15.68
CA GLY B 342 9.56 21.56 -14.79
C GLY B 342 8.17 21.11 -15.17
N ARG B 343 7.94 21.11 -16.48
CA ARG B 343 6.69 20.70 -17.11
C ARG B 343 6.03 19.50 -16.44
N GLY B 344 6.84 18.55 -16.01
CA GLY B 344 6.32 17.33 -15.40
C GLY B 344 5.82 17.50 -13.97
N PHE B 345 5.83 18.72 -13.45
CA PHE B 345 5.34 18.95 -12.09
C PHE B 345 4.05 19.74 -12.14
N GLY B 346 3.57 19.96 -13.36
CA GLY B 346 2.33 20.70 -13.54
C GLY B 346 2.52 21.80 -14.55
N PRO B 347 1.42 22.40 -15.02
CA PRO B 347 1.47 23.48 -16.02
C PRO B 347 2.25 24.71 -15.55
N GLY B 348 2.32 24.89 -14.24
CA GLY B 348 3.06 26.04 -13.74
C GLY B 348 4.55 25.79 -13.91
N GLY B 349 4.89 24.52 -14.15
CA GLY B 349 6.29 24.16 -14.33
C GLY B 349 6.87 24.49 -15.69
N LYS B 350 6.00 24.67 -16.69
CA LYS B 350 6.45 24.98 -18.05
C LYS B 350 7.42 26.14 -18.12
N GLY B 351 8.70 25.84 -18.29
CA GLY B 351 9.69 26.90 -18.39
C GLY B 351 10.69 26.83 -17.27
N PHE B 352 10.68 25.73 -16.54
CA PHE B 352 11.61 25.55 -15.43
C PHE B 352 12.17 24.15 -15.52
N VAL B 353 13.25 23.92 -14.79
CA VAL B 353 13.86 22.61 -14.70
C VAL B 353 14.12 22.37 -13.22
N ARG B 354 14.09 21.12 -12.79
CA ARG B 354 14.37 20.82 -11.39
C ARG B 354 15.67 20.04 -11.31
N ILE B 355 16.57 20.49 -10.45
CA ILE B 355 17.85 19.82 -10.27
C ILE B 355 17.91 19.18 -8.90
N ALA B 356 18.17 17.88 -8.86
CA ALA B 356 18.27 17.15 -7.61
C ALA B 356 19.72 17.11 -7.15
N LEU B 357 20.01 17.81 -6.05
CA LEU B 357 21.37 17.88 -5.50
C LEU B 357 21.79 16.56 -4.89
N VAL B 358 21.68 15.49 -5.68
CA VAL B 358 22.01 14.15 -5.21
C VAL B 358 23.40 13.63 -5.59
N ARG B 359 24.31 14.55 -5.85
CA ARG B 359 25.68 14.20 -6.22
C ARG B 359 26.67 15.17 -5.60
N PRO B 360 27.91 14.70 -5.33
CA PRO B 360 28.98 15.52 -4.76
C PRO B 360 29.09 16.89 -5.41
N LEU B 361 29.49 17.88 -4.62
CA LEU B 361 29.61 19.25 -5.12
C LEU B 361 30.42 19.32 -6.43
N GLU B 362 31.53 18.56 -6.48
CA GLU B 362 32.39 18.53 -7.66
C GLU B 362 31.51 18.30 -8.87
N GLU B 363 30.93 17.10 -8.93
CA GLU B 363 30.05 16.72 -10.02
C GLU B 363 29.03 17.78 -10.36
N LEU B 364 28.44 18.38 -9.32
CA LEU B 364 27.42 19.40 -9.55
C LEU B 364 28.03 20.62 -10.20
N LEU B 365 29.28 20.93 -9.84
CA LEU B 365 29.94 22.08 -10.44
C LEU B 365 30.20 21.75 -11.91
N GLU B 366 30.59 20.50 -12.18
CA GLU B 366 30.82 20.05 -13.55
C GLU B 366 29.49 20.10 -14.30
N ALA B 367 28.45 19.55 -13.69
CA ALA B 367 27.11 19.52 -14.29
C ALA B 367 26.60 20.92 -14.55
N ALA B 368 27.04 21.88 -13.74
CA ALA B 368 26.60 23.25 -13.92
C ALA B 368 27.40 23.86 -15.06
N LYS B 369 28.63 23.38 -15.22
CA LYS B 369 29.51 23.85 -16.30
C LYS B 369 28.80 23.52 -17.62
N ARG B 370 28.40 22.26 -17.78
CA ARG B 370 27.71 21.82 -18.99
C ARG B 370 26.42 22.57 -19.27
N ILE B 371 25.59 22.74 -18.25
CA ILE B 371 24.33 23.45 -18.39
C ILE B 371 24.58 24.86 -18.95
N ARG B 372 25.69 25.45 -18.53
CA ARG B 372 26.08 26.78 -19.00
C ARG B 372 26.37 26.69 -20.51
N GLU B 373 27.16 25.67 -20.88
CA GLU B 373 27.51 25.44 -22.28
C GLU B 373 26.24 25.29 -23.09
N ALA B 374 25.32 24.49 -22.57
CA ALA B 374 24.06 24.22 -23.23
C ALA B 374 23.18 25.45 -23.41
N LEU B 375 23.72 26.64 -23.16
CA LEU B 375 22.95 27.87 -23.36
C LEU B 375 23.84 29.04 -23.80
#